data_2HJ6
#
_entry.id   2HJ6
#
_cell.length_a   139.355
_cell.length_b   139.355
_cell.length_c   183.217
_cell.angle_alpha   90.00
_cell.angle_beta   90.00
_cell.angle_gamma   120.00
#
_symmetry.space_group_name_H-M   'P 31 2 1'
#
loop_
_entity.id
_entity.type
_entity.pdbx_description
1 polymer 'Reaction center protein L chain'
2 polymer 'Reaction center protein M chain'
3 polymer 'Reaction center protein H chain'
4 non-polymer 'BACTERIOCHLOROPHYLL A'
5 non-polymer 'BACTERIOPHEOPHYTIN A'
6 non-polymer UBIQUINONE-10
7 non-polymer 'FE (III) ION'
8 non-polymer 'PHOSPHATE ION'
9 non-polymer HEPTANE-1,2,3-TRIOL
10 non-polymer CARDIOLIPIN
11 non-polymer O-[{[(2R)-2-{[(9S,10S)-9,10-DIBROMOOCTADECANOYL]OXY}-3-(PALMITOYLOXY)PROPYL]OXY}(HYDROXY)PHOSPHORYL]-L-SERINE
12 non-polymer 'LAURYL DIMETHYLAMINE-N-OXIDE'
13 non-polymer GLYCEROL
14 non-polymer 'POTASSIUM ION'
15 water water
#
loop_
_entity_poly.entity_id
_entity_poly.type
_entity_poly.pdbx_seq_one_letter_code
_entity_poly.pdbx_strand_id
1 'polypeptide(L)'
;ALLSFERKYRVPGGTLVGGNLFDFWVGPFYVGFFGVATFFFAALGIILIAWSAVLQGTWNPQLISVYPPALEYGLGGAPL
AKGGLWQIITICATGAFVSWALREVEICRKLGIGYHIPFAFAFAILAYLTLVLFRPVMMGAWGYAFPYGIWTHLDWVSNT
GYTYGNFHYNPAHMIAISFFFTNALALALHGALVLSAANPEKGKEMRTPDHEDTFFRDLVGYSIGTLGIHRLGLLLSLSA
VFFSALCMIITGTIWFDQWVDWWQWWVKLPWWANIPGGING
;
L
2 'polypeptide(L)'
;AEYQNIFSQVQVRGPADLGMTEDVNLANRSGVGPFSTLLGWFGNAQLGPIYLGSLGVLSLFSGLMWFFTIGIWFWYQAGW
NPAVFLRDLFFFSLEPPAPEYGLSFAAPLKEGGLWLIASFFMFVAVWSWWGRTYLRAQALGMGKHTAWAFLSAIWLWMVL
GFIRPILMGSWSEAVPYGIFSHLDWTNNFSLVHGNLFYNPFHGLSIAFLYGSALLFAMHGATILAVSRFGGERELEQIAD
RGTAAERAALFWRWTMGFNATMEGIHRWAIWMAVLVTLTGGIGILLSGTVVDNWYVWGQNHGMAPLN
;
M
3 'polypeptide(L)'
;MVGVTAFGNFDLASLAIYSFWIFLAGLIYYLQTENMREGYPLENEDGTPAANQGPFPLPKPKTFILPHGRGTLTVPGPES
EDRPIALARTAVSEGFPHAPTGDPMKDGVGPASWVARRDLPELDGHGHNKIKPMKAAAGFHVSAGKNPIGLPVRGCDLEI
AGKVVDIWVDIPEQMARFLEVELKDGSTRLLPMQMVKVQSNRVHVNALSSDLFAGIPTIKSPTEVTLLEEDKICGYVAGG
LMYAAPKRKSVVAAMLAEYA
;
H
#
# COMPACT_ATOMS: atom_id res chain seq x y z
N ALA A 1 -23.14 -15.19 11.81
CA ALA A 1 -22.72 -14.14 12.77
C ALA A 1 -22.38 -12.85 12.00
N LEU A 2 -22.61 -11.70 12.60
CA LEU A 2 -22.35 -10.47 11.92
C LEU A 2 -21.62 -9.51 12.84
N LEU A 3 -20.86 -8.62 12.24
CA LEU A 3 -20.26 -7.57 12.99
C LEU A 3 -21.33 -6.72 13.70
N SER A 4 -20.95 -6.06 14.79
CA SER A 4 -21.91 -5.31 15.58
C SER A 4 -22.64 -4.27 14.75
N PHE A 5 -22.05 -3.82 13.64
CA PHE A 5 -22.60 -2.68 12.88
C PHE A 5 -23.07 -3.10 11.47
N GLU A 6 -23.08 -4.40 11.23
CA GLU A 6 -23.19 -4.94 9.86
C GLU A 6 -24.58 -5.01 9.21
N ARG A 7 -25.62 -5.31 9.99
CA ARG A 7 -26.90 -5.64 9.35
C ARG A 7 -27.38 -4.55 8.45
N LYS A 8 -27.35 -3.30 8.94
CA LYS A 8 -27.79 -2.17 8.15
C LYS A 8 -27.24 -2.21 6.72
N TYR A 9 -26.06 -2.77 6.51
CA TYR A 9 -25.47 -2.83 5.20
C TYR A 9 -25.94 -3.99 4.36
N ARG A 10 -26.42 -5.07 4.99
CA ARG A 10 -26.86 -6.27 4.27
C ARG A 10 -28.22 -6.15 3.60
N VAL A 11 -28.45 -5.06 2.89
CA VAL A 11 -29.67 -4.90 2.11
C VAL A 11 -29.53 -5.72 0.84
N PRO A 12 -30.65 -6.01 0.18
CA PRO A 12 -30.62 -6.58 -1.14
C PRO A 12 -30.11 -5.60 -2.18
N GLY A 13 -29.36 -6.10 -3.16
CA GLY A 13 -29.00 -5.29 -4.34
C GLY A 13 -27.53 -5.22 -4.72
N GLY A 14 -27.28 -4.79 -5.95
CA GLY A 14 -25.91 -4.57 -6.44
C GLY A 14 -25.34 -5.71 -7.25
N THR A 15 -26.07 -6.80 -7.42
CA THR A 15 -25.53 -7.90 -8.22
C THR A 15 -25.32 -7.43 -9.67
N LEU A 16 -24.42 -8.06 -10.42
CA LEU A 16 -24.35 -7.82 -11.87
C LEU A 16 -25.08 -8.87 -12.68
N VAL A 17 -25.39 -10.02 -12.11
CA VAL A 17 -25.92 -11.14 -12.86
C VAL A 17 -26.81 -12.00 -11.95
N GLY A 18 -27.95 -12.40 -12.45
CA GLY A 18 -28.80 -13.29 -11.68
C GLY A 18 -29.76 -12.61 -10.73
N GLY A 19 -29.83 -11.29 -10.78
CA GLY A 19 -30.70 -10.58 -9.84
C GLY A 19 -30.46 -11.05 -8.42
N ASN A 20 -31.54 -11.46 -7.76
CA ASN A 20 -31.50 -11.88 -6.34
C ASN A 20 -31.12 -13.35 -6.16
N LEU A 21 -31.05 -14.08 -7.26
CA LEU A 21 -30.90 -15.53 -7.25
C LEU A 21 -29.78 -15.96 -6.31
N PHE A 22 -28.67 -15.23 -6.31
CA PHE A 22 -27.50 -15.55 -5.47
C PHE A 22 -27.11 -14.39 -4.56
N ASP A 23 -28.06 -13.52 -4.21
CA ASP A 23 -27.79 -12.36 -3.35
C ASP A 23 -27.97 -12.82 -1.89
N PHE A 24 -27.01 -13.58 -1.39
CA PHE A 24 -27.00 -13.96 0.01
C PHE A 24 -25.58 -14.16 0.50
N TRP A 25 -25.42 -14.30 1.81
CA TRP A 25 -24.12 -14.59 2.36
C TRP A 25 -24.13 -15.99 2.98
N VAL A 26 -22.94 -16.58 3.12
CA VAL A 26 -22.67 -17.79 3.94
C VAL A 26 -21.63 -17.39 5.02
N GLY A 27 -22.04 -17.27 6.28
CA GLY A 27 -21.17 -16.76 7.30
C GLY A 27 -20.83 -15.36 6.84
N PRO A 28 -19.55 -15.03 6.86
CA PRO A 28 -19.21 -13.63 6.61
C PRO A 28 -19.15 -13.35 5.12
N PHE A 29 -19.01 -14.40 4.30
CA PHE A 29 -18.76 -14.28 2.87
C PHE A 29 -20.03 -14.03 2.07
N TYR A 30 -19.98 -12.96 1.30
CA TYR A 30 -20.93 -12.71 0.25
C TYR A 30 -20.73 -13.79 -0.84
N VAL A 31 -21.83 -14.41 -1.27
CA VAL A 31 -21.80 -15.34 -2.38
C VAL A 31 -21.95 -14.53 -3.68
N GLY A 32 -23.15 -14.44 -4.24
CA GLY A 32 -23.36 -13.80 -5.55
C GLY A 32 -23.02 -14.72 -6.72
N PHE A 33 -23.40 -14.35 -7.95
CA PHE A 33 -23.09 -15.18 -9.14
C PHE A 33 -21.60 -15.52 -9.24
N PHE A 34 -20.77 -14.51 -8.97
CA PHE A 34 -19.32 -14.65 -9.00
C PHE A 34 -18.74 -15.42 -7.81
N GLY A 35 -19.40 -15.43 -6.66
CA GLY A 35 -19.10 -16.46 -5.68
C GLY A 35 -19.24 -17.86 -6.29
N VAL A 36 -20.39 -18.14 -6.88
CA VAL A 36 -20.63 -19.45 -7.48
C VAL A 36 -19.60 -19.72 -8.62
N ALA A 37 -19.24 -18.68 -9.40
CA ALA A 37 -18.32 -18.84 -10.52
C ALA A 37 -16.99 -19.24 -9.91
N THR A 38 -16.53 -18.45 -8.93
CA THR A 38 -15.27 -18.72 -8.22
C THR A 38 -15.22 -20.12 -7.62
N PHE A 39 -16.19 -20.46 -6.77
CA PHE A 39 -16.25 -21.84 -6.23
C PHE A 39 -16.11 -22.92 -7.31
N PHE A 40 -16.89 -22.79 -8.38
CA PHE A 40 -16.85 -23.73 -9.48
C PHE A 40 -15.41 -23.82 -9.99
N PHE A 41 -14.80 -22.67 -10.29
CA PHE A 41 -13.49 -22.67 -10.90
C PHE A 41 -12.43 -23.18 -9.93
N ALA A 42 -12.45 -22.73 -8.67
CA ALA A 42 -11.44 -23.21 -7.69
C ALA A 42 -11.61 -24.71 -7.53
N ALA A 43 -12.81 -25.14 -7.20
CA ALA A 43 -13.09 -26.57 -7.06
C ALA A 43 -12.43 -27.43 -8.14
N LEU A 44 -12.71 -27.11 -9.41
CA LEU A 44 -12.31 -27.96 -10.56
C LEU A 44 -10.82 -27.79 -10.80
N GLY A 45 -10.38 -26.54 -10.68
CA GLY A 45 -8.93 -26.25 -10.60
C GLY A 45 -8.20 -27.14 -9.61
N ILE A 46 -8.70 -27.20 -8.36
CA ILE A 46 -8.12 -28.07 -7.32
C ILE A 46 -8.26 -29.58 -7.64
N ILE A 47 -9.43 -30.03 -8.09
CA ILE A 47 -9.54 -31.45 -8.41
C ILE A 47 -8.48 -31.77 -9.46
N LEU A 48 -8.49 -31.04 -10.57
CA LEU A 48 -7.58 -31.34 -11.67
C LEU A 48 -6.12 -31.31 -11.22
N ILE A 49 -5.78 -30.47 -10.23
CA ILE A 49 -4.43 -30.50 -9.66
C ILE A 49 -4.25 -31.79 -8.88
N ALA A 50 -5.12 -32.12 -7.91
CA ALA A 50 -5.06 -33.45 -7.24
C ALA A 50 -4.95 -34.65 -8.26
N TRP A 51 -5.50 -34.39 -9.44
CA TRP A 51 -5.50 -35.34 -10.53
C TRP A 51 -4.09 -35.39 -11.09
N SER A 52 -3.50 -34.22 -11.32
CA SER A 52 -2.13 -34.19 -11.79
C SER A 52 -1.22 -34.82 -10.74
N ALA A 53 -1.44 -34.46 -9.47
CA ALA A 53 -0.72 -35.06 -8.36
C ALA A 53 -0.74 -36.61 -8.44
N VAL A 54 -1.91 -37.22 -8.40
CA VAL A 54 -2.04 -38.70 -8.56
C VAL A 54 -1.11 -39.31 -9.66
N LEU A 55 -1.05 -38.66 -10.82
CA LEU A 55 -0.28 -39.13 -12.00
C LEU A 55 1.25 -38.84 -11.98
N GLN A 56 1.66 -37.73 -11.35
CA GLN A 56 3.08 -37.56 -10.95
C GLN A 56 3.49 -38.69 -9.96
N GLY A 57 2.53 -39.10 -9.10
CA GLY A 57 2.70 -40.13 -8.08
C GLY A 57 2.96 -39.65 -6.66
N THR A 58 2.59 -38.42 -6.35
CA THR A 58 2.93 -37.84 -5.06
C THR A 58 1.74 -37.09 -4.45
N TRP A 59 1.69 -36.98 -3.12
CA TRP A 59 0.70 -36.06 -2.52
C TRP A 59 1.33 -34.90 -1.74
N ASN A 60 2.66 -34.77 -1.73
CA ASN A 60 3.31 -33.75 -0.90
C ASN A 60 3.25 -32.38 -1.57
N PRO A 61 2.84 -31.35 -0.84
CA PRO A 61 2.71 -30.00 -1.46
C PRO A 61 4.06 -29.38 -1.94
N GLN A 62 5.16 -29.88 -1.36
CA GLN A 62 6.51 -29.49 -1.76
C GLN A 62 6.97 -30.29 -2.96
N LEU A 63 6.23 -31.33 -3.33
CA LEU A 63 6.55 -32.08 -4.52
C LEU A 63 5.53 -31.92 -5.64
N ILE A 64 4.25 -31.86 -5.33
CA ILE A 64 3.22 -31.71 -6.38
C ILE A 64 3.60 -30.60 -7.35
N SER A 65 3.69 -30.92 -8.63
CA SER A 65 3.99 -29.89 -9.60
C SER A 65 3.32 -30.07 -10.94
N VAL A 66 2.38 -29.21 -11.31
CA VAL A 66 1.74 -29.37 -12.63
C VAL A 66 2.53 -28.56 -13.64
N TYR A 67 3.12 -29.26 -14.59
N TYR A 67 3.21 -29.24 -14.54
CA TYR A 67 4.01 -28.67 -15.55
CA TYR A 67 4.02 -28.57 -15.55
C TYR A 67 3.26 -28.36 -16.85
C TYR A 67 3.23 -28.30 -16.80
N PRO A 68 3.56 -27.22 -17.50
CA PRO A 68 2.99 -27.00 -18.81
C PRO A 68 3.58 -27.95 -19.81
N PRO A 69 2.95 -27.98 -21.00
CA PRO A 69 3.40 -28.83 -22.10
C PRO A 69 4.82 -28.55 -22.60
N ALA A 70 5.53 -29.64 -22.91
CA ALA A 70 6.77 -29.58 -23.65
C ALA A 70 6.67 -28.58 -24.84
N LEU A 71 7.70 -27.75 -25.05
CA LEU A 71 7.66 -26.69 -26.10
C LEU A 71 7.31 -27.21 -27.50
N GLU A 72 7.53 -28.50 -27.69
CA GLU A 72 7.15 -29.21 -28.91
C GLU A 72 5.75 -28.72 -29.27
N TYR A 73 4.82 -28.88 -28.33
CA TYR A 73 3.40 -28.61 -28.54
C TYR A 73 3.03 -27.22 -29.03
N GLY A 74 3.98 -26.29 -29.03
CA GLY A 74 3.70 -24.93 -29.51
C GLY A 74 2.59 -24.32 -28.72
N LEU A 75 1.62 -23.74 -29.42
CA LEU A 75 0.46 -23.19 -28.73
C LEU A 75 -0.74 -24.09 -28.87
N GLY A 76 -0.55 -25.34 -29.25
CA GLY A 76 -1.69 -26.26 -29.29
C GLY A 76 -1.98 -26.87 -27.92
N GLY A 77 -2.87 -27.85 -27.88
CA GLY A 77 -3.16 -28.64 -26.69
C GLY A 77 -2.31 -29.91 -26.60
N ALA A 78 -1.94 -30.24 -25.38
CA ALA A 78 -1.17 -31.46 -25.09
C ALA A 78 -2.11 -32.38 -24.33
N PRO A 79 -1.77 -33.68 -24.24
CA PRO A 79 -2.72 -34.56 -23.55
C PRO A 79 -2.71 -34.27 -22.04
N LEU A 80 -3.57 -34.96 -21.31
CA LEU A 80 -3.80 -34.59 -19.92
C LEU A 80 -2.54 -34.77 -19.06
N ALA A 81 -1.90 -35.94 -19.11
CA ALA A 81 -0.77 -36.18 -18.23
C ALA A 81 0.52 -35.48 -18.71
N LYS A 82 0.52 -34.95 -19.93
CA LYS A 82 1.75 -34.42 -20.52
C LYS A 82 1.67 -32.97 -20.98
N GLY A 83 0.73 -32.21 -20.44
CA GLY A 83 0.64 -30.76 -20.74
C GLY A 83 -0.76 -30.16 -20.62
N GLY A 84 -1.76 -30.97 -20.95
CA GLY A 84 -3.15 -30.54 -20.90
C GLY A 84 -3.65 -29.97 -19.56
N LEU A 85 -3.27 -30.64 -18.46
CA LEU A 85 -3.86 -30.34 -17.17
C LEU A 85 -3.46 -28.95 -16.80
N TRP A 86 -2.21 -28.61 -17.11
CA TRP A 86 -1.74 -27.27 -16.81
C TRP A 86 -2.58 -26.32 -17.62
N GLN A 87 -2.83 -26.68 -18.89
CA GLN A 87 -3.61 -25.83 -19.82
C GLN A 87 -4.98 -25.57 -19.29
N ILE A 88 -5.65 -26.62 -18.79
CA ILE A 88 -7.02 -26.49 -18.22
C ILE A 88 -7.07 -25.85 -16.81
N ILE A 89 -6.07 -26.19 -15.99
CA ILE A 89 -5.89 -25.51 -14.67
C ILE A 89 -5.63 -23.99 -14.82
N THR A 90 -5.05 -23.57 -15.95
CA THR A 90 -4.85 -22.15 -16.24
C THR A 90 -6.20 -21.55 -16.69
N ILE A 91 -7.02 -22.35 -17.37
CA ILE A 91 -8.35 -21.87 -17.71
C ILE A 91 -9.16 -21.71 -16.40
N CYS A 92 -9.08 -22.69 -15.49
CA CYS A 92 -9.70 -22.52 -14.18
C CYS A 92 -9.14 -21.31 -13.40
N ALA A 93 -7.82 -21.21 -13.23
CA ALA A 93 -7.22 -20.10 -12.45
C ALA A 93 -7.72 -18.70 -12.86
N THR A 94 -7.63 -18.43 -14.17
CA THR A 94 -8.02 -17.12 -14.74
C THR A 94 -9.51 -16.92 -14.56
N GLY A 95 -10.27 -18.01 -14.73
CA GLY A 95 -11.71 -17.99 -14.41
C GLY A 95 -11.91 -17.56 -12.96
N ALA A 96 -11.17 -18.20 -12.06
CA ALA A 96 -11.35 -17.99 -10.64
C ALA A 96 -10.90 -16.61 -10.26
N PHE A 97 -9.78 -16.14 -10.81
CA PHE A 97 -9.29 -14.81 -10.41
C PHE A 97 -10.18 -13.73 -10.97
N VAL A 98 -10.55 -13.84 -12.24
CA VAL A 98 -11.46 -12.87 -12.83
C VAL A 98 -12.82 -12.91 -12.14
N SER A 99 -13.34 -14.09 -11.81
CA SER A 99 -14.60 -14.13 -11.05
C SER A 99 -14.42 -13.43 -9.69
N TRP A 100 -13.32 -13.64 -9.01
CA TRP A 100 -13.14 -13.02 -7.71
C TRP A 100 -13.22 -11.48 -7.87
N ALA A 101 -12.74 -10.96 -9.00
CA ALA A 101 -12.66 -9.51 -9.14
C ALA A 101 -14.07 -8.99 -9.28
N LEU A 102 -14.89 -9.72 -10.07
CA LEU A 102 -16.22 -9.30 -10.41
C LEU A 102 -17.10 -9.44 -9.16
N ARG A 103 -16.80 -10.45 -8.33
CA ARG A 103 -17.43 -10.54 -7.00
C ARG A 103 -17.06 -9.31 -6.20
N GLU A 104 -15.79 -8.91 -6.16
CA GLU A 104 -15.46 -7.66 -5.44
C GLU A 104 -16.27 -6.44 -5.94
N VAL A 105 -16.56 -6.39 -7.23
CA VAL A 105 -17.32 -5.28 -7.79
C VAL A 105 -18.77 -5.35 -7.28
N GLU A 106 -19.31 -6.57 -7.16
CA GLU A 106 -20.65 -6.73 -6.57
C GLU A 106 -20.70 -6.27 -5.10
N ILE A 107 -19.72 -6.69 -4.31
CA ILE A 107 -19.60 -6.21 -2.93
C ILE A 107 -19.53 -4.64 -2.87
N CYS A 108 -18.76 -4.05 -3.77
CA CYS A 108 -18.62 -2.60 -3.79
C CYS A 108 -19.93 -1.96 -4.10
N ARG A 109 -20.62 -2.52 -5.10
CA ARG A 109 -21.95 -2.00 -5.50
C ARG A 109 -23.00 -2.06 -4.36
N LYS A 110 -23.00 -3.16 -3.61
CA LYS A 110 -23.91 -3.28 -2.48
C LYS A 110 -23.54 -2.26 -1.41
N LEU A 111 -22.24 -2.02 -1.25
CA LEU A 111 -21.74 -1.18 -0.19
C LEU A 111 -21.60 0.29 -0.57
N GLY A 112 -21.91 0.63 -1.82
CA GLY A 112 -21.80 2.03 -2.28
C GLY A 112 -20.41 2.66 -2.15
N ILE A 113 -19.38 1.82 -2.33
CA ILE A 113 -18.00 2.32 -2.28
C ILE A 113 -17.48 2.41 -3.71
N GLY A 114 -16.22 2.88 -3.84
CA GLY A 114 -15.55 2.97 -5.12
C GLY A 114 -15.05 1.61 -5.53
N TYR A 115 -14.62 1.49 -6.79
CA TYR A 115 -14.18 0.18 -7.28
C TYR A 115 -12.66 0.04 -7.29
N HIS A 116 -11.97 0.77 -6.43
CA HIS A 116 -10.49 0.78 -6.44
C HIS A 116 -9.92 -0.60 -6.20
N ILE A 117 -10.39 -1.33 -5.20
CA ILE A 117 -9.80 -2.61 -4.80
C ILE A 117 -9.76 -3.58 -5.97
N PRO A 118 -10.95 -3.84 -6.54
CA PRO A 118 -10.97 -4.76 -7.66
C PRO A 118 -10.19 -4.32 -8.88
N PHE A 119 -10.11 -3.03 -9.16
CA PHE A 119 -9.25 -2.51 -10.23
C PHE A 119 -7.80 -2.80 -9.93
N ALA A 120 -7.39 -2.55 -8.68
CA ALA A 120 -6.04 -2.84 -8.21
C ALA A 120 -5.71 -4.32 -8.36
N PHE A 121 -6.63 -5.16 -7.93
CA PHE A 121 -6.39 -6.58 -8.01
C PHE A 121 -6.16 -6.94 -9.49
N ALA A 122 -6.83 -6.23 -10.38
CA ALA A 122 -6.77 -6.56 -11.80
C ALA A 122 -5.33 -6.52 -12.25
N PHE A 123 -4.55 -5.59 -11.71
CA PHE A 123 -3.13 -5.56 -12.04
C PHE A 123 -2.46 -6.87 -11.68
N ALA A 124 -2.67 -7.40 -10.49
CA ALA A 124 -2.09 -8.71 -10.16
C ALA A 124 -2.50 -9.84 -11.17
N ILE A 125 -3.79 -9.93 -11.47
CA ILE A 125 -4.25 -10.82 -12.53
C ILE A 125 -3.44 -10.60 -13.83
N LEU A 126 -3.18 -9.34 -14.20
CA LEU A 126 -2.47 -9.11 -15.49
C LEU A 126 -1.03 -9.64 -15.42
N ALA A 127 -0.35 -9.46 -14.28
CA ALA A 127 1.00 -9.96 -14.12
C ALA A 127 0.94 -11.46 -14.35
N TYR A 128 0.04 -12.11 -13.62
CA TYR A 128 -0.16 -13.53 -13.83
C TYR A 128 -0.39 -13.87 -15.31
N LEU A 129 -1.33 -13.20 -15.96
CA LEU A 129 -1.63 -13.47 -17.40
C LEU A 129 -0.50 -13.10 -18.38
N THR A 130 0.35 -12.15 -18.00
CA THR A 130 1.61 -12.00 -18.73
C THR A 130 2.45 -13.29 -18.62
N LEU A 131 2.78 -13.76 -17.42
CA LEU A 131 3.60 -14.96 -17.31
C LEU A 131 2.98 -16.22 -17.98
N VAL A 132 1.66 -16.42 -17.92
CA VAL A 132 1.08 -17.67 -18.53
C VAL A 132 0.38 -17.51 -19.89
N LEU A 133 -0.05 -16.21 -20.33
CA LEU A 133 -0.73 -16.10 -21.64
C LEU A 133 0.02 -15.19 -22.60
N PHE A 134 0.15 -13.92 -22.23
CA PHE A 134 0.68 -13.02 -23.29
C PHE A 134 2.13 -13.40 -23.68
N ARG A 135 2.93 -13.77 -22.69
CA ARG A 135 4.31 -14.09 -22.94
C ARG A 135 4.40 -15.43 -23.63
N PRO A 136 3.85 -16.51 -23.03
CA PRO A 136 3.86 -17.74 -23.85
C PRO A 136 3.22 -17.64 -25.25
N VAL A 137 2.18 -16.83 -25.45
CA VAL A 137 1.62 -16.75 -26.83
C VAL A 137 2.61 -16.06 -27.76
N MET A 138 3.18 -14.94 -27.33
CA MET A 138 4.14 -14.22 -28.17
C MET A 138 5.40 -15.02 -28.47
N MET A 139 5.82 -15.90 -27.57
CA MET A 139 7.01 -16.67 -27.82
C MET A 139 6.71 -17.85 -28.72
N GLY A 140 5.49 -18.38 -28.61
CA GLY A 140 4.99 -19.45 -29.47
C GLY A 140 4.70 -20.79 -28.78
N ALA A 141 4.97 -20.91 -27.48
CA ALA A 141 4.64 -22.16 -26.79
C ALA A 141 4.21 -21.99 -25.33
N TRP A 142 3.30 -22.87 -24.91
CA TRP A 142 2.80 -22.87 -23.54
C TRP A 142 3.89 -23.29 -22.59
N GLY A 143 4.87 -24.01 -23.12
CA GLY A 143 6.09 -24.32 -22.41
C GLY A 143 6.88 -23.19 -21.78
N TYR A 144 6.74 -21.94 -22.25
CA TYR A 144 7.55 -20.83 -21.71
C TYR A 144 6.96 -20.28 -20.42
N ALA A 145 5.78 -20.78 -20.09
CA ALA A 145 5.11 -20.38 -18.89
C ALA A 145 5.72 -21.16 -17.72
N PHE A 146 5.44 -20.68 -16.50
CA PHE A 146 5.92 -21.34 -15.30
C PHE A 146 4.97 -22.44 -14.89
N PRO A 147 5.47 -23.42 -14.13
CA PRO A 147 4.70 -24.58 -13.74
C PRO A 147 4.19 -24.39 -12.34
N TYR A 148 3.08 -25.04 -12.01
CA TYR A 148 2.49 -24.80 -10.71
C TYR A 148 3.11 -25.77 -9.73
N GLY A 149 4.06 -25.27 -8.96
CA GLY A 149 4.67 -26.02 -7.86
C GLY A 149 5.43 -25.08 -6.92
N ILE A 150 5.45 -25.40 -5.62
CA ILE A 150 6.03 -24.50 -4.62
C ILE A 150 7.49 -24.18 -4.92
N TRP A 151 8.23 -25.21 -5.31
CA TRP A 151 9.65 -25.08 -5.60
C TRP A 151 9.97 -25.03 -7.09
N THR A 152 9.34 -25.94 -7.84
CA THR A 152 9.45 -25.97 -9.28
C THR A 152 9.19 -24.59 -9.93
N HIS A 153 8.32 -23.76 -9.35
CA HIS A 153 8.11 -22.44 -9.95
C HIS A 153 9.29 -21.54 -9.72
N LEU A 154 9.92 -21.68 -8.57
CA LEU A 154 11.19 -20.99 -8.27
C LEU A 154 12.36 -21.49 -9.13
N ASP A 155 12.36 -22.79 -9.42
CA ASP A 155 13.25 -23.34 -10.43
C ASP A 155 13.07 -22.56 -11.74
N TRP A 156 11.83 -22.33 -12.17
CA TRP A 156 11.55 -21.63 -13.45
C TRP A 156 12.01 -20.20 -13.44
N VAL A 157 11.78 -19.55 -12.32
CA VAL A 157 12.21 -18.17 -12.17
C VAL A 157 13.73 -18.07 -12.36
N SER A 158 14.49 -19.03 -11.82
CA SER A 158 15.90 -18.88 -11.82
C SER A 158 16.38 -19.14 -13.23
N ASN A 159 16.05 -20.32 -13.73
CA ASN A 159 16.27 -20.68 -15.11
C ASN A 159 15.99 -19.55 -16.07
N THR A 160 14.85 -18.89 -15.88
CA THR A 160 14.36 -18.02 -16.93
C THR A 160 15.26 -16.81 -16.89
N GLY A 161 15.49 -16.32 -15.70
CA GLY A 161 16.36 -15.19 -15.52
C GLY A 161 17.74 -15.48 -16.08
N TYR A 162 18.27 -16.66 -15.84
CA TYR A 162 19.68 -16.86 -16.12
C TYR A 162 19.93 -17.08 -17.63
N THR A 163 18.87 -17.49 -18.31
CA THR A 163 18.82 -17.54 -19.75
C THR A 163 19.26 -16.23 -20.34
N TYR A 164 19.08 -15.14 -19.62
CA TYR A 164 19.45 -13.82 -20.12
C TYR A 164 20.62 -13.23 -19.35
N GLY A 165 21.51 -14.10 -18.88
CA GLY A 165 22.57 -13.68 -17.98
C GLY A 165 22.08 -13.33 -16.59
N ASN A 166 22.74 -12.37 -15.93
CA ASN A 166 22.24 -11.84 -14.68
C ASN A 166 21.02 -10.97 -14.99
N PHE A 167 19.83 -11.41 -14.61
CA PHE A 167 18.62 -10.69 -14.99
C PHE A 167 18.53 -9.27 -14.42
N HIS A 168 19.44 -8.93 -13.49
CA HIS A 168 19.44 -7.62 -12.83
C HIS A 168 19.50 -6.52 -13.88
N TYR A 169 20.11 -6.85 -15.01
CA TYR A 169 20.38 -5.84 -16.03
C TYR A 169 19.17 -5.52 -16.93
N ASN A 170 18.07 -6.25 -16.73
CA ASN A 170 16.82 -5.90 -17.36
C ASN A 170 16.40 -4.55 -16.82
N PRO A 171 16.29 -3.56 -17.69
CA PRO A 171 16.03 -2.22 -17.15
C PRO A 171 14.60 -2.02 -16.65
N ALA A 172 13.62 -2.71 -17.24
CA ALA A 172 12.25 -2.61 -16.73
C ALA A 172 12.23 -3.20 -15.32
N HIS A 173 13.03 -4.25 -15.13
CA HIS A 173 13.12 -4.99 -13.89
C HIS A 173 13.81 -4.18 -12.80
N MET A 174 14.79 -3.36 -13.14
CA MET A 174 15.31 -2.35 -12.18
C MET A 174 14.23 -1.37 -11.73
N ILE A 175 13.37 -0.95 -12.65
CA ILE A 175 12.31 -0.03 -12.26
C ILE A 175 11.33 -0.77 -11.36
N ALA A 176 10.88 -1.94 -11.83
CA ALA A 176 10.07 -2.82 -11.00
C ALA A 176 10.65 -2.86 -9.57
N ILE A 177 11.89 -3.32 -9.39
CA ILE A 177 12.47 -3.48 -8.04
C ILE A 177 12.43 -2.21 -7.26
N SER A 178 12.72 -1.09 -7.88
CA SER A 178 12.73 0.12 -7.09
C SER A 178 11.36 0.47 -6.55
N PHE A 179 10.32 0.14 -7.31
CA PHE A 179 8.96 0.35 -6.85
C PHE A 179 8.67 -0.62 -5.72
N PHE A 180 9.01 -1.90 -5.82
CA PHE A 180 8.73 -2.75 -4.69
C PHE A 180 9.44 -2.24 -3.44
N PHE A 181 10.66 -1.74 -3.53
CA PHE A 181 11.33 -1.36 -2.32
C PHE A 181 10.74 -0.07 -1.80
N THR A 182 10.40 0.82 -2.69
CA THR A 182 9.91 2.09 -2.22
C THR A 182 8.50 1.93 -1.59
N ASN A 183 7.73 1.04 -2.15
CA ASN A 183 6.47 0.70 -1.61
C ASN A 183 6.64 0.26 -0.21
N ALA A 184 7.56 -0.66 0.01
CA ALA A 184 7.81 -1.21 1.35
C ALA A 184 8.28 -0.09 2.30
N LEU A 185 9.13 0.80 1.84
CA LEU A 185 9.48 1.98 2.63
C LEU A 185 8.19 2.80 3.01
N ALA A 186 7.40 3.16 2.02
CA ALA A 186 6.13 3.88 2.21
C ALA A 186 5.17 3.17 3.21
N LEU A 187 5.03 1.83 3.12
CA LEU A 187 4.19 1.10 4.09
C LEU A 187 4.74 1.25 5.47
N ALA A 188 6.04 0.97 5.63
CA ALA A 188 6.70 1.10 6.94
C ALA A 188 6.39 2.43 7.54
N LEU A 189 6.60 3.47 6.73
CA LEU A 189 6.52 4.83 7.25
C LEU A 189 5.07 5.12 7.61
N HIS A 190 4.12 4.74 6.73
CA HIS A 190 2.67 5.08 6.92
C HIS A 190 2.10 4.38 8.11
N GLY A 191 2.41 3.11 8.18
CA GLY A 191 2.07 2.36 9.36
C GLY A 191 2.60 3.07 10.58
N ALA A 192 3.87 3.44 10.55
CA ALA A 192 4.51 3.90 11.73
C ALA A 192 3.93 5.30 12.09
N LEU A 193 3.57 6.06 11.06
CA LEU A 193 3.20 7.44 11.31
C LEU A 193 1.84 7.54 11.97
N VAL A 194 0.85 6.87 11.40
CA VAL A 194 -0.47 6.82 11.99
C VAL A 194 -0.36 6.30 13.43
N LEU A 195 0.32 5.18 13.63
CA LEU A 195 0.43 4.55 14.97
C LEU A 195 1.09 5.47 15.98
N SER A 196 2.13 6.19 15.58
CA SER A 196 2.80 7.17 16.45
C SER A 196 1.89 8.32 16.86
N ALA A 197 0.95 8.66 15.98
CA ALA A 197 -0.11 9.62 16.28
C ALA A 197 -1.19 8.98 17.19
N ALA A 198 -1.66 7.76 16.88
CA ALA A 198 -2.75 7.11 17.67
C ALA A 198 -2.28 6.80 19.07
N ASN A 199 -0.96 6.68 19.19
CA ASN A 199 -0.30 5.97 20.26
C ASN A 199 0.91 6.78 20.77
N PRO A 200 0.67 7.99 21.21
CA PRO A 200 1.67 9.00 21.53
C PRO A 200 2.39 8.62 22.79
N GLU A 201 3.28 9.47 23.31
CA GLU A 201 3.97 9.17 24.58
C GLU A 201 2.96 9.02 25.71
N LYS A 202 3.35 8.31 26.76
CA LYS A 202 2.43 7.92 27.85
C LYS A 202 1.77 9.11 28.55
N GLY A 203 0.46 9.00 28.74
CA GLY A 203 -0.32 10.04 29.41
C GLY A 203 -0.78 11.14 28.46
N LYS A 204 -0.11 11.24 27.32
CA LYS A 204 -0.41 12.29 26.34
C LYS A 204 -1.64 11.95 25.46
N GLU A 205 -2.28 13.00 24.96
CA GLU A 205 -3.47 12.87 24.15
C GLU A 205 -3.01 12.46 22.78
N MET A 206 -3.86 11.67 22.12
CA MET A 206 -3.75 11.40 20.71
C MET A 206 -3.32 12.67 19.97
N ARG A 207 -2.46 12.47 18.99
CA ARG A 207 -2.07 13.55 18.11
C ARG A 207 -3.06 13.66 16.97
N THR A 208 -2.81 14.70 16.17
CA THR A 208 -3.66 15.12 15.08
C THR A 208 -2.89 14.93 13.79
N PRO A 209 -3.57 15.01 12.66
CA PRO A 209 -2.82 14.97 11.42
C PRO A 209 -1.80 16.09 11.32
N ASP A 210 -2.13 17.26 11.77
CA ASP A 210 -1.14 18.32 11.77
C ASP A 210 0.19 17.83 12.41
N HIS A 211 0.11 16.95 13.40
CA HIS A 211 1.33 16.39 14.01
C HIS A 211 2.08 15.43 13.08
N GLU A 212 1.31 14.63 12.34
CA GLU A 212 1.87 13.77 11.31
C GLU A 212 2.63 14.63 10.25
N ASP A 213 2.05 15.75 9.79
CA ASP A 213 2.75 16.56 8.79
C ASP A 213 3.94 17.18 9.42
N THR A 214 3.72 17.87 10.52
CA THR A 214 4.82 18.55 11.21
C THR A 214 5.99 17.59 11.42
N PHE A 215 5.67 16.33 11.77
CA PHE A 215 6.70 15.28 11.92
C PHE A 215 7.58 15.11 10.66
N PHE A 216 6.90 14.89 9.56
CA PHE A 216 7.58 14.61 8.33
C PHE A 216 8.26 15.82 7.71
N ARG A 217 7.65 16.98 7.91
CA ARG A 217 8.23 18.19 7.39
C ARG A 217 9.47 18.51 8.21
N ASP A 218 9.39 18.26 9.51
CA ASP A 218 10.58 18.39 10.36
C ASP A 218 11.74 17.47 9.92
N LEU A 219 11.39 16.23 9.54
CA LEU A 219 12.32 15.16 9.21
C LEU A 219 12.95 15.27 7.80
N VAL A 220 12.09 15.53 6.81
CA VAL A 220 12.55 15.50 5.42
C VAL A 220 12.14 16.72 4.65
N GLY A 221 11.44 17.66 5.27
CA GLY A 221 11.04 18.86 4.55
C GLY A 221 9.79 18.71 3.69
N TYR A 222 9.07 17.62 3.77
CA TYR A 222 7.87 17.60 3.00
C TYR A 222 6.86 16.69 3.64
N SER A 223 5.58 16.93 3.41
CA SER A 223 4.54 15.99 3.80
C SER A 223 3.58 15.85 2.65
N ILE A 224 3.30 14.63 2.24
CA ILE A 224 2.46 14.39 1.06
C ILE A 224 1.00 14.52 1.50
N GLY A 225 0.72 14.29 2.79
CA GLY A 225 -0.65 14.28 3.28
C GLY A 225 -1.38 12.95 3.33
N THR A 226 -2.48 12.91 4.05
CA THR A 226 -3.11 11.64 4.36
C THR A 226 -3.86 11.08 3.16
N LEU A 227 -4.33 11.94 2.26
CA LEU A 227 -4.91 11.43 1.03
C LEU A 227 -3.74 11.02 0.16
N GLY A 228 -2.70 11.86 0.16
CA GLY A 228 -1.55 11.66 -0.67
C GLY A 228 -0.96 10.27 -0.53
N ILE A 229 -0.77 9.88 0.71
CA ILE A 229 -0.04 8.66 0.97
C ILE A 229 -0.80 7.43 0.51
N HIS A 230 -2.11 7.54 0.47
CA HIS A 230 -2.91 6.39 0.10
C HIS A 230 -2.90 6.32 -1.43
N ARG A 231 -3.00 7.47 -2.06
CA ARG A 231 -2.66 7.56 -3.47
C ARG A 231 -1.25 7.01 -3.77
N LEU A 232 -0.26 7.40 -2.95
CA LEU A 232 1.09 6.90 -3.11
C LEU A 232 1.24 5.36 -3.01
N GLY A 233 0.75 4.73 -1.93
CA GLY A 233 0.96 3.28 -1.77
C GLY A 233 0.31 2.58 -2.95
N LEU A 234 -0.84 3.07 -3.36
CA LEU A 234 -1.58 2.41 -4.41
C LEU A 234 -0.76 2.52 -5.69
N LEU A 235 -0.23 3.72 -5.91
CA LEU A 235 0.56 4.03 -7.08
C LEU A 235 1.86 3.27 -7.10
N LEU A 236 2.59 3.26 -5.98
CA LEU A 236 3.86 2.50 -5.92
C LEU A 236 3.69 1.01 -6.19
N SER A 237 2.72 0.43 -5.52
CA SER A 237 2.58 -1.02 -5.53
C SER A 237 2.03 -1.43 -6.85
N LEU A 238 1.04 -0.70 -7.38
CA LEU A 238 0.57 -1.00 -8.75
C LEU A 238 1.63 -0.73 -9.83
N SER A 239 2.45 0.31 -9.64
CA SER A 239 3.61 0.53 -10.51
C SER A 239 4.59 -0.62 -10.43
N ALA A 240 4.96 -1.05 -9.22
CA ALA A 240 5.82 -2.20 -9.07
C ALA A 240 5.34 -3.37 -9.99
N VAL A 241 4.05 -3.63 -9.99
CA VAL A 241 3.58 -4.82 -10.69
C VAL A 241 3.52 -4.60 -12.19
N PHE A 242 3.15 -3.40 -12.58
CA PHE A 242 3.04 -3.10 -14.00
C PHE A 242 4.40 -3.26 -14.69
N PHE A 243 5.44 -2.68 -14.10
CA PHE A 243 6.80 -2.90 -14.57
C PHE A 243 7.29 -4.36 -14.45
N SER A 244 6.77 -5.09 -13.49
CA SER A 244 7.14 -6.49 -13.43
C SER A 244 6.62 -7.14 -14.67
N ALA A 245 5.37 -6.85 -15.01
CA ALA A 245 4.75 -7.45 -16.18
C ALA A 245 5.46 -7.05 -17.47
N LEU A 246 5.91 -5.81 -17.51
CA LEU A 246 6.52 -5.23 -18.68
C LEU A 246 7.87 -5.84 -18.85
N CYS A 247 8.60 -5.98 -17.76
CA CYS A 247 9.96 -6.44 -17.84
C CYS A 247 10.00 -7.89 -18.34
N MET A 248 8.92 -8.64 -18.13
CA MET A 248 8.85 -9.99 -18.69
C MET A 248 8.26 -10.03 -20.10
N ILE A 249 7.35 -9.12 -20.39
CA ILE A 249 6.60 -9.19 -21.67
C ILE A 249 7.59 -8.92 -22.81
N ILE A 250 8.59 -8.06 -22.52
CA ILE A 250 9.66 -7.73 -23.45
C ILE A 250 10.78 -8.79 -23.51
N THR A 251 10.95 -9.57 -22.44
CA THR A 251 12.06 -10.54 -22.36
C THR A 251 11.72 -11.80 -23.08
N GLY A 252 12.58 -12.20 -24.00
CA GLY A 252 12.35 -13.40 -24.82
C GLY A 252 11.48 -13.12 -26.04
N THR A 253 10.93 -11.92 -26.10
CA THR A 253 10.21 -11.46 -27.25
C THR A 253 11.01 -10.36 -27.93
N ILE A 254 10.94 -9.11 -27.48
CA ILE A 254 11.63 -8.04 -28.21
C ILE A 254 13.13 -7.98 -27.86
N TRP A 255 13.50 -8.42 -26.67
CA TRP A 255 14.91 -8.59 -26.31
C TRP A 255 15.02 -10.00 -25.81
N PHE A 256 16.03 -10.71 -26.31
CA PHE A 256 16.21 -12.15 -26.03
C PHE A 256 17.66 -12.54 -25.90
N ASP A 257 18.56 -11.57 -25.83
CA ASP A 257 19.97 -11.87 -25.60
C ASP A 257 20.31 -11.53 -24.16
N GLN A 258 21.60 -11.53 -23.81
CA GLN A 258 22.05 -11.17 -22.47
C GLN A 258 21.72 -9.74 -22.16
N TRP A 259 20.96 -9.52 -21.08
CA TRP A 259 20.54 -8.17 -20.71
C TRP A 259 21.72 -7.25 -20.45
N VAL A 260 22.82 -7.79 -19.93
CA VAL A 260 23.95 -6.93 -19.66
C VAL A 260 24.31 -6.19 -20.95
N ASP A 261 24.23 -6.87 -22.08
CA ASP A 261 24.68 -6.27 -23.35
C ASP A 261 23.77 -5.15 -23.85
N TRP A 262 22.52 -5.16 -23.43
CA TRP A 262 21.61 -4.10 -23.81
C TRP A 262 22.18 -2.70 -23.54
N TRP A 263 22.99 -2.55 -22.50
CA TRP A 263 23.43 -1.23 -22.10
C TRP A 263 24.51 -0.66 -23.00
N GLN A 264 25.00 -1.47 -23.94
CA GLN A 264 25.96 -0.98 -24.92
C GLN A 264 25.38 0.20 -25.75
N TRP A 265 24.08 0.23 -26.01
CA TRP A 265 23.48 1.39 -26.69
C TRP A 265 23.97 2.72 -26.09
N TRP A 266 23.94 2.82 -24.77
CA TRP A 266 24.41 4.01 -24.11
C TRP A 266 25.91 4.13 -24.20
N VAL A 267 26.66 3.06 -24.00
CA VAL A 267 28.15 3.16 -23.97
C VAL A 267 28.75 3.60 -25.31
N LYS A 268 27.96 3.46 -26.37
CA LYS A 268 28.45 3.61 -27.72
C LYS A 268 27.82 4.76 -28.48
N LEU A 269 26.89 5.50 -27.87
CA LEU A 269 26.51 6.79 -28.44
C LEU A 269 27.82 7.48 -28.94
N PRO A 270 27.76 8.17 -30.12
CA PRO A 270 28.97 8.38 -30.92
C PRO A 270 29.92 9.43 -30.37
N TRP A 271 29.39 10.36 -29.55
CA TRP A 271 30.24 11.39 -28.91
C TRP A 271 31.26 10.84 -27.90
N TRP A 272 30.82 10.09 -26.90
CA TRP A 272 31.80 9.43 -26.03
C TRP A 272 32.25 8.04 -26.52
N ALA A 273 31.53 7.46 -27.48
CA ALA A 273 31.82 6.10 -27.94
C ALA A 273 33.31 5.70 -27.94
N ASN A 274 34.22 6.57 -28.37
CA ASN A 274 35.64 6.21 -28.57
C ASN A 274 36.67 6.99 -27.74
N ILE A 275 36.21 7.70 -26.73
CA ILE A 275 37.11 8.47 -25.88
C ILE A 275 37.87 7.46 -24.99
N PRO A 276 39.22 7.60 -24.88
CA PRO A 276 39.92 6.57 -24.11
C PRO A 276 39.80 6.86 -22.61
N GLY A 277 40.43 6.05 -21.77
CA GLY A 277 40.20 6.08 -20.31
C GLY A 277 38.88 5.41 -19.92
N GLY A 278 38.52 5.48 -18.64
CA GLY A 278 37.27 4.87 -18.13
C GLY A 278 37.24 3.34 -18.15
N ILE A 279 36.08 2.78 -17.86
CA ILE A 279 35.94 1.32 -17.81
C ILE A 279 35.94 0.74 -19.23
N ASN A 280 35.23 1.41 -20.14
CA ASN A 280 34.93 0.89 -21.50
C ASN A 280 35.76 1.50 -22.67
N GLY A 281 37.00 1.90 -22.41
CA GLY A 281 37.84 2.49 -23.46
C GLY A 281 39.31 2.51 -23.08
N ALA B 1 -16.44 8.91 -16.30
CA ALA B 1 -16.34 8.12 -15.04
C ALA B 1 -16.83 9.03 -13.89
N GLU B 2 -17.18 8.39 -12.75
CA GLU B 2 -17.11 9.08 -11.45
C GLU B 2 -15.57 9.46 -11.35
N TYR B 3 -15.33 10.58 -10.66
CA TYR B 3 -14.03 10.89 -10.05
C TYR B 3 -13.39 9.60 -9.45
N GLN B 4 -12.12 9.35 -9.72
CA GLN B 4 -11.47 8.28 -9.00
C GLN B 4 -10.65 8.72 -7.79
N ASN B 5 -10.41 10.03 -7.66
CA ASN B 5 -9.68 10.61 -6.53
C ASN B 5 -8.22 10.16 -6.52
N ILE B 6 -7.66 9.94 -7.71
CA ILE B 6 -6.24 9.73 -7.82
C ILE B 6 -5.54 11.09 -7.99
N PHE B 7 -6.18 11.98 -8.73
CA PHE B 7 -5.73 13.36 -8.74
C PHE B 7 -6.86 14.23 -8.30
N SER B 8 -6.54 15.39 -7.82
CA SER B 8 -7.57 16.23 -7.31
C SER B 8 -8.20 16.99 -8.46
N GLN B 9 -9.41 17.48 -8.29
CA GLN B 9 -10.02 18.28 -9.33
C GLN B 9 -9.81 19.76 -9.11
N VAL B 10 -10.01 20.26 -7.90
CA VAL B 10 -9.74 21.66 -7.57
C VAL B 10 -8.63 21.75 -6.55
N GLN B 11 -7.65 22.62 -6.73
CA GLN B 11 -6.67 22.85 -5.68
C GLN B 11 -7.03 24.12 -4.95
N VAL B 12 -7.02 24.05 -3.62
CA VAL B 12 -7.06 25.25 -2.81
C VAL B 12 -5.73 25.54 -2.11
N ARG B 13 -5.41 26.81 -1.90
CA ARG B 13 -4.29 27.14 -1.07
C ARG B 13 -4.62 28.19 -0.03
N GLY B 14 -4.02 28.06 1.16
CA GLY B 14 -4.11 29.09 2.20
C GLY B 14 -2.76 29.37 2.82
N PRO B 15 -2.72 30.17 3.89
CA PRO B 15 -1.46 30.51 4.49
C PRO B 15 -0.56 29.33 4.78
N ALA B 16 0.74 29.55 4.60
CA ALA B 16 1.75 28.52 4.74
C ALA B 16 1.59 27.89 6.11
N ASP B 17 1.65 26.57 6.13
CA ASP B 17 1.44 25.84 7.37
C ASP B 17 2.75 25.57 8.12
N LEU B 18 3.04 26.39 9.13
CA LEU B 18 4.30 26.27 9.85
C LEU B 18 4.40 25.05 10.82
N GLY B 19 3.29 24.41 11.15
CA GLY B 19 3.32 23.19 11.94
C GLY B 19 2.98 23.37 13.42
N MET B 20 2.80 22.24 14.09
CA MET B 20 2.56 22.19 15.52
C MET B 20 3.89 22.46 16.21
N THR B 21 3.87 23.20 17.32
CA THR B 21 5.09 23.44 18.09
C THR B 21 5.44 22.37 19.13
N GLU B 22 4.46 21.96 19.94
CA GLU B 22 4.69 21.09 21.08
C GLU B 22 6.01 21.55 21.67
N ASP B 23 7.01 20.66 21.77
CA ASP B 23 8.33 20.96 22.35
C ASP B 23 9.45 21.29 21.36
N VAL B 24 9.12 21.51 20.10
CA VAL B 24 10.15 21.57 19.07
C VAL B 24 10.86 22.88 19.18
N ASN B 25 12.20 22.86 19.25
CA ASN B 25 12.97 24.08 19.20
C ASN B 25 12.83 24.86 17.90
N LEU B 26 12.03 25.93 17.89
CA LEU B 26 11.67 26.60 16.61
C LEU B 26 12.85 27.32 15.98
N ALA B 27 13.86 27.63 16.80
CA ALA B 27 15.11 28.22 16.32
C ALA B 27 15.72 27.34 15.24
N ASN B 28 15.51 26.02 15.35
CA ASN B 28 16.06 25.08 14.39
C ASN B 28 15.13 24.71 13.20
N ARG B 29 13.95 25.34 13.10
CA ARG B 29 13.07 25.14 11.93
C ARG B 29 13.39 26.14 10.89
N SER B 30 13.20 25.82 9.63
CA SER B 30 13.42 26.76 8.52
C SER B 30 12.12 27.47 8.25
N GLY B 31 12.12 28.31 7.20
CA GLY B 31 10.90 28.94 6.68
C GLY B 31 10.21 28.04 5.65
N VAL B 32 8.98 28.36 5.28
CA VAL B 32 8.34 27.61 4.21
C VAL B 32 9.15 27.74 2.96
N GLY B 33 9.06 26.73 2.11
CA GLY B 33 9.66 26.78 0.80
C GLY B 33 8.55 27.08 -0.17
N PRO B 34 8.81 26.91 -1.49
CA PRO B 34 7.80 27.20 -2.49
C PRO B 34 6.67 26.24 -2.40
N PHE B 35 5.62 26.54 -3.13
CA PHE B 35 4.53 25.64 -3.24
C PHE B 35 4.58 25.21 -4.66
N SER B 36 4.33 23.92 -4.92
CA SER B 36 4.32 23.35 -6.26
C SER B 36 2.92 22.95 -6.68
N THR B 37 2.33 23.72 -7.58
CA THR B 37 1.02 23.30 -8.11
C THR B 37 1.02 21.89 -8.68
N LEU B 38 2.17 21.43 -9.14
CA LEU B 38 2.24 20.16 -9.81
C LEU B 38 2.06 19.05 -8.81
N LEU B 39 2.84 19.09 -7.72
CA LEU B 39 2.69 18.16 -6.56
C LEU B 39 1.22 18.21 -6.08
N GLY B 40 0.66 19.41 -6.12
CA GLY B 40 -0.72 19.66 -5.72
C GLY B 40 -1.81 18.81 -6.31
N TRP B 41 -1.64 18.27 -7.50
CA TRP B 41 -2.67 17.42 -8.07
C TRP B 41 -2.74 16.06 -7.36
N PHE B 42 -1.68 15.70 -6.67
CA PHE B 42 -1.55 14.35 -6.13
C PHE B 42 -1.48 14.38 -4.59
N GLY B 43 -0.77 15.36 -4.06
CA GLY B 43 -0.50 15.47 -2.65
C GLY B 43 -0.40 16.95 -2.27
N ASN B 44 0.39 17.25 -1.26
CA ASN B 44 0.41 18.58 -0.75
C ASN B 44 1.37 19.40 -1.62
N ALA B 45 0.99 20.65 -1.92
CA ALA B 45 1.79 21.55 -2.72
C ALA B 45 2.90 22.19 -1.88
N GLN B 46 2.74 22.20 -0.57
CA GLN B 46 3.69 22.94 0.27
C GLN B 46 4.98 22.19 0.42
N LEU B 47 6.10 22.86 0.16
CA LEU B 47 7.39 22.35 0.55
C LEU B 47 7.87 23.14 1.75
N GLY B 48 8.70 22.47 2.56
CA GLY B 48 9.22 23.00 3.84
C GLY B 48 8.14 23.19 4.88
N PRO B 49 8.48 23.79 6.03
CA PRO B 49 9.85 24.10 6.46
C PRO B 49 10.50 22.82 6.95
N ILE B 50 11.80 22.88 7.26
CA ILE B 50 12.52 21.69 7.69
C ILE B 50 13.28 21.92 8.98
N TYR B 51 13.18 20.96 9.90
CA TYR B 51 13.90 21.08 11.17
C TYR B 51 15.30 20.58 10.90
N LEU B 52 16.26 21.35 11.38
CA LEU B 52 17.62 21.10 11.07
C LEU B 52 18.45 21.59 12.23
N GLY B 53 18.54 20.77 13.26
CA GLY B 53 19.44 21.02 14.37
C GLY B 53 20.83 20.40 14.15
N SER B 54 21.58 20.28 15.24
CA SER B 54 22.99 19.84 15.21
C SER B 54 23.18 18.41 14.72
N LEU B 55 22.18 17.59 14.91
CA LEU B 55 22.29 16.23 14.48
C LEU B 55 22.01 16.15 12.96
N GLY B 56 21.17 17.05 12.46
CA GLY B 56 20.85 17.07 11.03
C GLY B 56 22.06 17.56 10.27
N VAL B 57 22.75 18.54 10.83
CA VAL B 57 23.92 19.04 10.16
C VAL B 57 24.89 17.88 10.11
N LEU B 58 25.11 17.20 11.23
CA LEU B 58 26.06 16.08 11.23
C LEU B 58 25.69 15.07 10.15
N SER B 59 24.41 14.67 10.12
CA SER B 59 23.93 13.66 9.18
C SER B 59 24.11 14.03 7.69
N LEU B 60 23.58 15.19 7.28
CA LEU B 60 23.73 15.69 5.89
C LEU B 60 25.21 15.90 5.52
N PHE B 61 26.00 16.49 6.39
CA PHE B 61 27.39 16.73 6.04
C PHE B 61 28.07 15.39 5.85
N SER B 62 27.85 14.49 6.79
CA SER B 62 28.46 13.19 6.72
C SER B 62 27.94 12.48 5.50
N GLY B 63 26.67 12.68 5.20
CA GLY B 63 26.02 12.07 4.05
C GLY B 63 26.66 12.49 2.76
N LEU B 64 26.88 13.79 2.59
CA LEU B 64 27.60 14.32 1.42
C LEU B 64 29.06 13.85 1.34
N MET B 65 29.75 13.82 2.48
CA MET B 65 31.11 13.30 2.52
C MET B 65 31.21 11.90 1.93
N TRP B 66 30.15 11.14 2.12
CA TRP B 66 30.02 9.83 1.51
C TRP B 66 29.96 9.96 -0.02
N PHE B 67 28.95 10.68 -0.50
N PHE B 67 28.93 10.64 -0.50
CA PHE B 67 28.64 10.86 -1.94
CA PHE B 67 28.78 10.90 -1.94
C PHE B 67 29.75 11.60 -2.70
C PHE B 67 30.13 11.44 -2.46
N PHE B 68 30.67 12.22 -1.96
N PHE B 68 30.61 12.53 -1.86
CA PHE B 68 31.82 12.79 -2.64
CA PHE B 68 31.93 13.05 -2.22
C PHE B 68 33.10 11.98 -2.40
C PHE B 68 32.87 11.86 -2.47
N THR B 69 33.11 11.08 -1.42
CA THR B 69 34.22 10.09 -1.39
C THR B 69 34.11 9.20 -2.61
N ILE B 70 32.89 8.73 -2.89
CA ILE B 70 32.63 7.88 -4.05
C ILE B 70 32.87 8.65 -5.34
N GLY B 71 32.19 9.80 -5.46
CA GLY B 71 32.35 10.69 -6.62
C GLY B 71 33.79 10.95 -7.04
N ILE B 72 34.62 11.41 -6.11
CA ILE B 72 36.03 11.58 -6.38
C ILE B 72 36.58 10.30 -7.00
N TRP B 73 36.30 9.14 -6.41
CA TRP B 73 36.81 7.91 -6.99
C TRP B 73 36.33 7.80 -8.44
N PHE B 74 35.04 8.01 -8.69
CA PHE B 74 34.47 7.84 -10.02
C PHE B 74 35.10 8.78 -11.06
N TRP B 75 35.20 10.07 -10.74
CA TRP B 75 35.83 11.07 -11.64
C TRP B 75 37.25 10.65 -11.97
N TYR B 76 37.94 10.19 -10.93
CA TYR B 76 39.27 9.67 -11.05
C TYR B 76 39.28 8.49 -12.00
N GLN B 77 38.40 7.52 -11.75
CA GLN B 77 38.30 6.33 -12.62
C GLN B 77 38.00 6.72 -14.09
N ALA B 78 37.30 7.84 -14.28
CA ALA B 78 37.04 8.37 -15.62
C ALA B 78 38.25 9.12 -16.24
N GLY B 79 39.37 9.18 -15.53
CA GLY B 79 40.52 9.94 -16.00
C GLY B 79 40.21 11.43 -16.13
N TRP B 80 39.30 11.90 -15.28
CA TRP B 80 38.87 13.30 -15.19
C TRP B 80 37.99 13.79 -16.35
N ASN B 81 37.86 12.98 -17.39
CA ASN B 81 37.03 13.32 -18.55
C ASN B 81 35.51 13.18 -18.25
N PRO B 82 34.73 14.28 -18.34
CA PRO B 82 33.27 14.26 -18.07
C PRO B 82 32.49 13.43 -19.07
N ALA B 83 32.98 13.35 -20.29
CA ALA B 83 32.37 12.50 -21.31
C ALA B 83 32.39 11.02 -20.87
N VAL B 84 33.57 10.56 -20.39
CA VAL B 84 33.75 9.21 -19.86
C VAL B 84 32.95 8.97 -18.57
N PHE B 85 32.97 9.95 -17.66
CA PHE B 85 32.25 9.87 -16.39
C PHE B 85 30.77 9.58 -16.65
N LEU B 86 30.24 10.26 -17.64
CA LEU B 86 28.83 10.18 -17.93
C LEU B 86 28.51 8.85 -18.65
N ARG B 87 29.44 8.45 -19.52
CA ARG B 87 29.32 7.24 -20.33
C ARG B 87 29.37 6.00 -19.46
N ASP B 88 30.43 5.92 -18.66
CA ASP B 88 30.71 4.79 -17.79
C ASP B 88 30.17 4.87 -16.35
N LEU B 89 29.34 5.89 -16.03
CA LEU B 89 28.82 6.11 -14.64
C LEU B 89 28.38 4.85 -13.89
N PHE B 90 27.70 3.96 -14.59
CA PHE B 90 27.14 2.75 -13.97
C PHE B 90 28.17 1.64 -13.82
N PHE B 91 29.36 1.82 -14.40
CA PHE B 91 30.40 0.78 -14.38
C PHE B 91 31.44 1.10 -13.30
N PHE B 92 31.53 2.35 -12.90
CA PHE B 92 32.48 2.74 -11.90
C PHE B 92 32.10 2.07 -10.60
N SER B 93 33.11 1.81 -9.79
CA SER B 93 32.90 1.15 -8.50
C SER B 93 34.04 1.38 -7.50
N LEU B 94 33.68 1.82 -6.31
CA LEU B 94 34.62 1.87 -5.18
C LEU B 94 34.56 0.55 -4.43
N GLU B 95 35.67 -0.18 -4.45
CA GLU B 95 35.67 -1.55 -3.95
C GLU B 95 36.37 -1.68 -2.62
N PRO B 96 35.88 -2.55 -1.74
CA PRO B 96 36.46 -2.72 -0.43
C PRO B 96 37.83 -3.34 -0.51
N PRO B 97 38.59 -3.30 0.61
CA PRO B 97 39.94 -3.87 0.69
C PRO B 97 39.97 -5.36 0.31
N ALA B 98 41.10 -5.82 -0.23
CA ALA B 98 41.28 -7.24 -0.56
C ALA B 98 41.13 -8.09 0.71
N PRO B 99 40.96 -9.42 0.53
CA PRO B 99 40.85 -10.32 1.68
C PRO B 99 42.13 -10.36 2.52
N GLU B 100 43.26 -10.02 1.89
CA GLU B 100 44.59 -10.02 2.49
C GLU B 100 44.76 -9.00 3.59
N TYR B 101 43.91 -7.97 3.64
CA TYR B 101 44.02 -6.91 4.65
C TYR B 101 43.07 -7.17 5.83
N GLY B 102 42.25 -8.22 5.70
CA GLY B 102 41.28 -8.60 6.74
C GLY B 102 40.53 -7.39 7.28
N LEU B 103 40.45 -7.27 8.61
CA LEU B 103 39.62 -6.24 9.23
C LEU B 103 40.43 -4.99 9.55
N SER B 104 41.67 -4.95 9.03
CA SER B 104 42.59 -3.83 9.30
C SER B 104 42.16 -2.57 8.54
N PHE B 105 42.46 -1.40 9.08
CA PHE B 105 42.31 -0.15 8.33
C PHE B 105 43.64 0.23 7.62
N ALA B 106 44.54 -0.73 7.45
CA ALA B 106 45.91 -0.42 7.03
C ALA B 106 46.09 -0.34 5.50
N ALA B 107 45.00 -0.21 4.75
CA ALA B 107 45.02 -0.49 3.30
C ALA B 107 44.97 0.79 2.44
N PRO B 108 45.75 0.86 1.34
CA PRO B 108 45.98 2.10 0.57
C PRO B 108 44.71 2.76 -0.01
N LEU B 109 44.51 4.04 0.27
CA LEU B 109 43.45 4.84 -0.32
C LEU B 109 42.95 4.29 -1.66
N LYS B 110 43.87 4.04 -2.60
CA LYS B 110 43.51 3.61 -3.97
C LYS B 110 42.96 2.17 -4.03
N GLU B 111 43.25 1.37 -3.01
CA GLU B 111 42.85 -0.03 -3.01
C GLU B 111 42.25 -0.43 -1.66
N GLY B 112 41.23 0.31 -1.22
CA GLY B 112 40.44 -0.03 -0.02
C GLY B 112 40.17 1.10 0.97
N GLY B 113 41.17 1.94 1.20
CA GLY B 113 41.05 3.04 2.14
C GLY B 113 39.89 3.98 1.87
N LEU B 114 39.78 4.42 0.61
CA LEU B 114 38.66 5.22 0.18
C LEU B 114 37.31 4.48 0.40
N TRP B 115 37.31 3.14 0.31
CA TRP B 115 36.09 2.40 0.60
C TRP B 115 35.73 2.53 2.10
N LEU B 116 36.74 2.36 2.95
CA LEU B 116 36.55 2.44 4.40
C LEU B 116 36.13 3.86 4.79
N ILE B 117 36.83 4.87 4.30
CA ILE B 117 36.41 6.27 4.48
C ILE B 117 34.90 6.43 4.11
N ALA B 118 34.51 6.02 2.92
CA ALA B 118 33.12 6.16 2.55
C ALA B 118 32.23 5.37 3.52
N SER B 119 32.63 4.17 3.88
CA SER B 119 31.81 3.44 4.85
C SER B 119 31.71 4.18 6.21
N PHE B 120 32.83 4.68 6.73
CA PHE B 120 32.77 5.49 7.95
C PHE B 120 31.72 6.58 7.78
N PHE B 121 31.86 7.38 6.72
CA PHE B 121 30.97 8.51 6.51
C PHE B 121 29.51 8.06 6.40
N MET B 122 29.25 6.89 5.85
CA MET B 122 27.86 6.47 5.70
C MET B 122 27.27 6.01 7.03
N PHE B 123 28.05 5.25 7.77
CA PHE B 123 27.69 4.84 9.11
C PHE B 123 27.33 6.07 9.98
N VAL B 124 28.14 7.11 9.97
CA VAL B 124 27.75 8.32 10.70
C VAL B 124 26.43 8.98 10.14
N ALA B 125 26.25 8.95 8.82
CA ALA B 125 25.10 9.59 8.22
C ALA B 125 23.77 8.91 8.64
N VAL B 126 23.75 7.59 8.56
CA VAL B 126 22.53 6.82 8.81
C VAL B 126 22.14 6.87 10.27
N TRP B 127 23.09 6.54 11.15
CA TRP B 127 22.83 6.49 12.58
C TRP B 127 22.35 7.84 13.04
N SER B 128 23.02 8.91 12.60
N SER B 128 23.04 8.91 12.62
CA SER B 128 22.61 10.26 12.99
CA SER B 128 22.61 10.27 12.96
C SER B 128 21.18 10.54 12.53
C SER B 128 21.16 10.42 12.56
N TRP B 129 20.87 10.17 11.30
CA TRP B 129 19.51 10.28 10.81
C TRP B 129 18.51 9.47 11.67
N TRP B 130 18.97 8.32 12.17
CA TRP B 130 18.16 7.51 13.06
C TRP B 130 17.80 8.30 14.31
N GLY B 131 18.76 8.90 14.95
CA GLY B 131 18.48 9.68 16.16
C GLY B 131 17.46 10.79 15.91
N ARG B 132 17.58 11.37 14.73
CA ARG B 132 16.67 12.36 14.24
C ARG B 132 15.28 11.76 14.22
N THR B 133 15.13 10.54 13.70
CA THR B 133 13.77 10.02 13.53
C THR B 133 13.15 9.85 14.89
N TYR B 134 13.96 9.53 15.89
CA TYR B 134 13.47 9.47 17.29
C TYR B 134 13.15 10.84 17.88
N LEU B 135 14.12 11.74 17.82
CA LEU B 135 14.04 13.04 18.48
C LEU B 135 12.88 13.86 17.93
N ARG B 136 12.66 13.80 16.62
CA ARG B 136 11.57 14.56 16.03
C ARG B 136 10.22 14.04 16.47
N ALA B 137 10.14 12.72 16.66
CA ALA B 137 8.95 12.11 17.29
C ALA B 137 8.81 12.62 18.72
N GLN B 138 9.89 12.51 19.46
CA GLN B 138 9.94 12.89 20.83
C GLN B 138 9.49 14.31 21.00
N ALA B 139 10.02 15.21 20.17
CA ALA B 139 9.76 16.66 20.42
C ALA B 139 8.30 16.99 20.21
N LEU B 140 7.61 16.15 19.44
CA LEU B 140 6.20 16.36 19.16
C LEU B 140 5.27 15.58 20.08
N GLY B 141 5.83 14.70 20.93
CA GLY B 141 5.07 13.88 21.86
C GLY B 141 4.53 12.60 21.25
N MET B 142 5.06 12.22 20.11
CA MET B 142 4.51 11.09 19.39
C MET B 142 5.25 9.81 19.68
N GLY B 143 4.64 8.70 19.27
CA GLY B 143 5.27 7.41 19.43
C GLY B 143 6.52 7.26 18.57
N LYS B 144 7.27 6.19 18.88
CA LYS B 144 8.60 5.98 18.33
C LYS B 144 8.63 4.93 17.24
N HIS B 145 7.44 4.55 16.79
CA HIS B 145 7.28 3.54 15.72
C HIS B 145 8.17 3.77 14.50
N THR B 146 8.20 4.99 14.00
CA THR B 146 9.09 5.30 12.90
C THR B 146 10.55 4.90 13.22
N ALA B 147 11.14 5.43 14.29
CA ALA B 147 12.48 5.03 14.68
C ALA B 147 12.59 3.52 14.77
N TRP B 148 11.61 2.86 15.38
CA TRP B 148 11.72 1.40 15.51
C TRP B 148 11.62 0.76 14.15
N ALA B 149 10.72 1.23 13.29
CA ALA B 149 10.59 0.70 11.92
C ALA B 149 11.88 0.87 11.13
N PHE B 150 12.44 2.07 11.19
CA PHE B 150 13.69 2.40 10.50
C PHE B 150 14.81 1.45 10.90
N LEU B 151 14.91 1.16 12.19
CA LEU B 151 15.87 0.19 12.72
C LEU B 151 15.88 -1.17 11.98
N SER B 152 14.71 -1.65 11.59
CA SER B 152 14.62 -2.80 10.72
C SER B 152 15.38 -2.68 9.41
N ALA B 153 15.29 -1.53 8.75
CA ALA B 153 16.03 -1.29 7.52
C ALA B 153 17.53 -1.28 7.87
N ILE B 154 17.86 -0.52 8.90
CA ILE B 154 19.22 -0.30 9.36
C ILE B 154 19.89 -1.62 9.63
N TRP B 155 19.09 -2.58 10.07
CA TRP B 155 19.57 -3.91 10.42
C TRP B 155 20.16 -4.63 9.22
N LEU B 156 19.38 -4.70 8.15
CA LEU B 156 19.81 -5.38 6.92
C LEU B 156 21.07 -4.73 6.40
N TRP B 157 21.08 -3.40 6.47
CA TRP B 157 22.19 -2.60 5.95
C TRP B 157 23.38 -2.91 6.78
N MET B 158 23.23 -2.82 8.10
CA MET B 158 24.30 -3.17 9.03
C MET B 158 24.83 -4.59 8.84
N VAL B 159 23.94 -5.54 8.60
CA VAL B 159 24.42 -6.91 8.41
C VAL B 159 25.35 -6.99 7.17
N LEU B 160 24.88 -6.45 6.04
CA LEU B 160 25.55 -6.48 4.74
C LEU B 160 26.92 -5.83 4.79
N GLY B 161 27.00 -4.67 5.42
CA GLY B 161 28.20 -3.85 5.35
C GLY B 161 29.14 -3.88 6.52
N PHE B 162 28.65 -4.31 7.69
CA PHE B 162 29.42 -4.22 8.92
C PHE B 162 29.45 -5.47 9.80
N ILE B 163 28.30 -6.05 10.09
CA ILE B 163 28.28 -7.17 11.04
C ILE B 163 28.81 -8.43 10.36
N ARG B 164 28.24 -8.78 9.21
CA ARG B 164 28.71 -9.95 8.47
C ARG B 164 30.18 -9.85 8.08
N PRO B 165 30.60 -8.72 7.48
CA PRO B 165 32.03 -8.72 7.17
C PRO B 165 32.87 -8.87 8.42
N ILE B 166 32.43 -8.31 9.56
CA ILE B 166 33.22 -8.43 10.83
C ILE B 166 33.30 -9.89 11.31
N LEU B 167 32.15 -10.54 11.36
CA LEU B 167 32.12 -11.95 11.69
C LEU B 167 32.80 -12.85 10.67
N MET B 168 33.02 -12.42 9.43
CA MET B 168 33.77 -13.24 8.46
C MET B 168 35.27 -12.97 8.43
N GLY B 169 35.79 -12.03 9.21
CA GLY B 169 37.25 -11.75 9.18
C GLY B 169 37.83 -10.71 8.21
N SER B 170 37.02 -10.20 7.28
CA SER B 170 37.48 -9.27 6.23
C SER B 170 36.43 -8.32 5.68
N TRP B 171 36.83 -7.05 5.60
CA TRP B 171 36.09 -6.01 4.87
C TRP B 171 35.78 -6.38 3.39
N SER B 172 36.61 -7.25 2.82
CA SER B 172 36.43 -7.70 1.43
C SER B 172 35.06 -8.30 1.18
N GLU B 173 34.43 -8.81 2.23
CA GLU B 173 33.12 -9.47 2.12
C GLU B 173 31.95 -8.52 2.00
N ALA B 174 32.21 -7.22 2.18
CA ALA B 174 31.23 -6.14 2.06
C ALA B 174 30.88 -5.73 0.60
N VAL B 175 29.76 -5.02 0.45
CA VAL B 175 29.27 -4.60 -0.85
C VAL B 175 30.06 -3.36 -1.27
N PRO B 176 30.45 -3.28 -2.56
CA PRO B 176 31.13 -2.09 -3.12
C PRO B 176 30.15 -0.96 -3.48
N TYR B 177 30.64 0.26 -3.53
CA TYR B 177 29.80 1.41 -3.94
C TYR B 177 29.92 1.59 -5.47
N GLY B 178 28.83 1.33 -6.16
CA GLY B 178 28.81 1.18 -7.61
C GLY B 178 27.44 0.66 -8.02
N ILE B 179 26.91 1.15 -9.12
CA ILE B 179 25.55 0.75 -9.52
C ILE B 179 25.60 -0.71 -9.98
N PHE B 180 26.35 -0.98 -11.05
CA PHE B 180 26.40 -2.33 -11.57
C PHE B 180 27.18 -3.26 -10.66
N SER B 181 28.24 -2.79 -10.02
CA SER B 181 29.06 -3.69 -9.22
C SER B 181 28.22 -4.25 -8.07
N HIS B 182 27.38 -3.46 -7.47
CA HIS B 182 26.62 -4.01 -6.37
C HIS B 182 25.52 -5.04 -6.81
N LEU B 183 25.06 -4.94 -8.05
CA LEU B 183 24.17 -5.96 -8.58
C LEU B 183 24.94 -7.26 -8.84
N ASP B 184 26.14 -7.13 -9.40
CA ASP B 184 27.06 -8.26 -9.55
C ASP B 184 27.41 -8.88 -8.21
N TRP B 185 27.71 -8.06 -7.18
CA TRP B 185 27.93 -8.57 -5.82
C TRP B 185 26.77 -9.40 -5.35
N THR B 186 25.57 -8.86 -5.52
CA THR B 186 24.36 -9.52 -5.08
C THR B 186 24.23 -10.89 -5.75
N ASN B 187 24.45 -10.94 -7.06
CA ASN B 187 24.26 -12.18 -7.80
C ASN B 187 25.29 -13.21 -7.36
N ASN B 188 26.52 -12.77 -7.23
CA ASN B 188 27.57 -13.71 -6.97
C ASN B 188 27.49 -14.18 -5.50
N PHE B 189 27.00 -13.33 -4.62
CA PHE B 189 26.63 -13.79 -3.26
C PHE B 189 25.71 -15.02 -3.24
N SER B 190 24.61 -14.91 -3.98
CA SER B 190 23.69 -16.01 -4.09
C SER B 190 24.45 -17.16 -4.67
N LEU B 191 25.22 -16.96 -5.75
CA LEU B 191 25.91 -18.14 -6.36
C LEU B 191 26.86 -18.81 -5.37
N VAL B 192 27.64 -18.02 -4.69
CA VAL B 192 28.60 -18.60 -3.74
C VAL B 192 27.92 -19.35 -2.53
N HIS B 193 26.70 -18.97 -2.17
CA HIS B 193 26.00 -19.58 -1.02
C HIS B 193 24.91 -20.60 -1.37
N GLY B 194 24.93 -21.09 -2.60
CA GLY B 194 24.13 -22.23 -2.95
C GLY B 194 22.79 -21.87 -3.53
N ASN B 195 22.63 -20.62 -3.94
CA ASN B 195 21.34 -20.10 -4.39
C ASN B 195 20.52 -19.82 -3.19
N LEU B 196 20.25 -18.53 -3.04
CA LEU B 196 19.63 -18.00 -1.87
C LEU B 196 18.11 -18.28 -1.95
N PHE B 197 17.67 -18.85 -3.06
CA PHE B 197 16.28 -19.27 -3.15
C PHE B 197 16.11 -20.43 -2.17
N TYR B 198 17.22 -21.09 -1.78
CA TYR B 198 17.13 -22.18 -0.82
C TYR B 198 17.22 -21.66 0.62
N ASN B 199 17.44 -20.37 0.83
CA ASN B 199 17.48 -19.80 2.18
C ASN B 199 16.05 -19.48 2.65
N PRO B 200 15.57 -20.18 3.70
CA PRO B 200 14.18 -19.93 4.15
C PRO B 200 13.94 -18.47 4.52
N PHE B 201 14.96 -17.79 4.99
CA PHE B 201 14.78 -16.41 5.40
C PHE B 201 14.63 -15.52 4.18
N HIS B 202 15.33 -15.89 3.11
CA HIS B 202 15.24 -15.14 1.88
C HIS B 202 13.82 -15.29 1.36
N GLY B 203 13.36 -16.55 1.36
CA GLY B 203 11.97 -16.90 1.02
C GLY B 203 10.97 -16.01 1.75
N LEU B 204 11.10 -15.85 3.07
CA LEU B 204 10.12 -15.08 3.86
C LEU B 204 10.22 -13.62 3.46
N SER B 205 11.44 -13.13 3.46
CA SER B 205 11.70 -11.82 2.95
C SER B 205 10.91 -11.59 1.66
N ILE B 206 10.98 -12.49 0.67
CA ILE B 206 10.20 -12.25 -0.55
C ILE B 206 8.69 -12.19 -0.25
N ALA B 207 8.23 -13.07 0.65
CA ALA B 207 6.79 -13.16 0.96
C ALA B 207 6.36 -11.81 1.49
N PHE B 208 7.15 -11.22 2.40
CA PHE B 208 6.79 -9.90 2.91
C PHE B 208 6.94 -8.72 1.94
N LEU B 209 7.90 -8.78 1.02
CA LEU B 209 8.09 -7.71 0.09
C LEU B 209 6.89 -7.69 -0.85
N TYR B 210 6.54 -8.86 -1.39
CA TYR B 210 5.37 -8.98 -2.25
C TYR B 210 4.15 -8.60 -1.43
N GLY B 211 4.11 -9.11 -0.19
CA GLY B 211 2.96 -8.93 0.70
C GLY B 211 2.74 -7.46 0.99
N SER B 212 3.86 -6.72 1.12
CA SER B 212 3.82 -5.27 1.26
C SER B 212 3.16 -4.68 0.02
N ALA B 213 3.49 -5.14 -1.16
CA ALA B 213 2.81 -4.59 -2.36
C ALA B 213 1.29 -4.96 -2.32
N LEU B 214 1.00 -6.24 -2.05
CA LEU B 214 -0.39 -6.69 -1.80
C LEU B 214 -1.09 -5.81 -0.74
N LEU B 215 -0.48 -5.59 0.42
CA LEU B 215 -1.20 -4.88 1.49
C LEU B 215 -1.49 -3.41 1.17
N PHE B 216 -0.51 -2.75 0.56
CA PHE B 216 -0.63 -1.34 0.37
C PHE B 216 -1.50 -1.13 -0.82
N ALA B 217 -1.54 -2.09 -1.71
CA ALA B 217 -2.47 -1.94 -2.81
C ALA B 217 -3.91 -2.04 -2.17
N MET B 218 -4.15 -3.11 -1.40
CA MET B 218 -5.41 -3.29 -0.72
C MET B 218 -5.73 -2.03 0.06
N HIS B 219 -4.79 -1.58 0.89
CA HIS B 219 -5.11 -0.52 1.84
C HIS B 219 -5.39 0.82 1.11
N GLY B 220 -4.46 1.20 0.25
CA GLY B 220 -4.58 2.41 -0.47
C GLY B 220 -5.85 2.41 -1.28
N ALA B 221 -6.12 1.30 -1.98
CA ALA B 221 -7.35 1.17 -2.79
C ALA B 221 -8.55 1.38 -1.87
N THR B 222 -8.51 0.72 -0.70
CA THR B 222 -9.61 0.73 0.27
C THR B 222 -9.93 2.16 0.76
N ILE B 223 -8.91 2.91 1.18
CA ILE B 223 -9.12 4.30 1.61
C ILE B 223 -9.61 5.14 0.45
N LEU B 224 -8.91 5.13 -0.65
CA LEU B 224 -9.48 5.80 -1.79
C LEU B 224 -10.94 5.38 -1.97
N ALA B 225 -11.23 4.07 -2.07
CA ALA B 225 -12.66 3.60 -2.24
C ALA B 225 -13.71 4.21 -1.23
N VAL B 226 -13.30 4.38 0.03
CA VAL B 226 -14.19 4.98 1.03
C VAL B 226 -13.87 6.45 1.28
N SER B 227 -13.24 7.08 0.33
CA SER B 227 -12.89 8.49 0.58
C SER B 227 -14.11 9.40 0.44
N ARG B 228 -15.19 8.92 -0.17
CA ARG B 228 -16.48 9.68 -0.24
C ARG B 228 -17.20 9.73 1.13
N PHE B 229 -16.66 8.96 2.07
CA PHE B 229 -17.15 8.96 3.42
C PHE B 229 -16.10 9.44 4.39
N GLY B 230 -15.03 10.06 3.95
CA GLY B 230 -14.06 10.62 4.90
C GLY B 230 -12.98 9.64 5.32
N GLY B 231 -12.84 8.54 4.58
CA GLY B 231 -11.92 7.52 4.97
C GLY B 231 -10.50 7.92 5.35
N GLU B 232 -9.89 8.87 4.64
CA GLU B 232 -8.44 9.09 4.81
C GLU B 232 -8.18 9.73 6.14
N ARG B 233 -9.23 10.26 6.73
CA ARG B 233 -9.10 10.86 8.01
C ARG B 233 -9.03 9.77 9.08
N GLU B 234 -7.98 8.97 9.00
CA GLU B 234 -7.92 7.75 9.75
C GLU B 234 -7.83 8.01 11.27
N LEU B 235 -7.13 9.01 11.73
CA LEU B 235 -7.04 9.17 13.19
C LEU B 235 -8.45 9.46 13.89
N GLU B 236 -9.20 10.42 13.38
CA GLU B 236 -10.57 10.66 13.84
C GLU B 236 -11.51 9.50 13.59
N GLN B 237 -11.20 8.66 12.58
CA GLN B 237 -11.94 7.41 12.40
C GLN B 237 -11.53 6.40 13.45
N ILE B 238 -10.29 6.50 13.96
CA ILE B 238 -9.85 5.64 15.07
C ILE B 238 -10.58 6.01 16.37
N ALA B 239 -10.74 7.31 16.63
CA ALA B 239 -11.37 7.82 17.83
C ALA B 239 -12.92 7.81 17.74
N ASP B 240 -13.50 7.54 16.56
CA ASP B 240 -14.95 7.75 16.40
C ASP B 240 -15.35 7.08 15.13
N ARG B 241 -15.41 5.77 15.16
CA ARG B 241 -15.71 5.00 13.97
C ARG B 241 -16.85 5.61 13.18
N GLY B 242 -16.65 5.74 11.85
CA GLY B 242 -17.66 6.29 10.90
C GLY B 242 -18.05 5.28 9.84
N THR B 243 -19.01 5.62 8.98
CA THR B 243 -19.47 4.65 7.95
C THR B 243 -18.36 4.20 6.99
N ALA B 244 -17.38 5.10 6.82
CA ALA B 244 -16.16 4.83 6.08
C ALA B 244 -15.41 3.64 6.72
N ALA B 245 -15.11 3.68 8.05
CA ALA B 245 -14.43 2.48 8.65
C ALA B 245 -15.28 1.21 8.44
N GLU B 246 -16.58 1.34 8.62
CA GLU B 246 -17.47 0.20 8.56
C GLU B 246 -17.57 -0.40 7.18
N ARG B 247 -17.72 0.45 6.15
CA ARG B 247 -17.79 -0.06 4.76
C ARG B 247 -16.46 -0.72 4.32
N ALA B 248 -15.34 -0.12 4.70
CA ALA B 248 -14.00 -0.70 4.51
C ALA B 248 -13.92 -2.05 5.17
N ALA B 249 -14.22 -2.11 6.46
CA ALA B 249 -14.19 -3.43 7.16
C ALA B 249 -15.09 -4.49 6.47
N LEU B 250 -16.27 -4.07 6.06
CA LEU B 250 -17.25 -5.02 5.54
C LEU B 250 -16.95 -5.46 4.10
N PHE B 251 -16.31 -4.57 3.30
CA PHE B 251 -15.83 -4.96 2.01
C PHE B 251 -14.98 -6.22 2.19
N TRP B 252 -14.04 -6.10 3.12
CA TRP B 252 -13.07 -7.18 3.29
C TRP B 252 -13.67 -8.42 3.94
N ARG B 253 -14.54 -8.18 4.93
CA ARG B 253 -15.18 -9.27 5.61
C ARG B 253 -15.96 -10.09 4.59
N TRP B 254 -16.82 -9.43 3.82
CA TRP B 254 -17.60 -10.11 2.76
C TRP B 254 -16.73 -10.70 1.62
N THR B 255 -15.59 -10.08 1.28
CA THR B 255 -14.70 -10.70 0.31
C THR B 255 -13.94 -11.94 0.87
N MET B 256 -13.10 -11.74 1.90
CA MET B 256 -12.20 -12.82 2.34
C MET B 256 -12.55 -13.41 3.68
N GLY B 257 -13.55 -12.87 4.35
CA GLY B 257 -14.11 -13.57 5.56
C GLY B 257 -13.68 -13.01 6.92
N PHE B 258 -12.78 -12.02 6.92
CA PHE B 258 -12.28 -11.43 8.15
C PHE B 258 -11.82 -10.02 7.82
N ASN B 259 -11.39 -9.27 8.83
CA ASN B 259 -11.11 -7.86 8.57
C ASN B 259 -10.36 -6.99 9.61
N ALA B 260 -9.94 -5.82 9.19
CA ALA B 260 -9.22 -4.93 10.07
C ALA B 260 -10.17 -3.93 10.73
N THR B 261 -9.62 -3.30 11.77
CA THR B 261 -10.08 -2.02 12.29
C THR B 261 -9.17 -0.93 11.66
N MET B 262 -9.52 0.34 11.92
CA MET B 262 -8.90 1.46 11.23
C MET B 262 -7.52 1.74 11.83
N GLU B 263 -7.32 1.54 13.13
CA GLU B 263 -5.97 1.56 13.68
C GLU B 263 -5.33 0.24 13.36
N GLY B 264 -6.07 -0.83 13.45
CA GLY B 264 -5.42 -2.14 13.28
C GLY B 264 -4.75 -2.42 11.95
N ILE B 265 -5.22 -1.80 10.87
CA ILE B 265 -4.66 -2.09 9.52
C ILE B 265 -3.24 -1.59 9.50
N HIS B 266 -3.03 -0.49 10.21
CA HIS B 266 -1.72 0.08 10.32
C HIS B 266 -0.77 -0.80 11.14
N ARG B 267 -1.25 -1.74 11.96
CA ARG B 267 -0.31 -2.67 12.62
C ARG B 267 0.10 -3.80 11.68
N TRP B 268 -0.85 -4.29 10.90
CA TRP B 268 -0.52 -5.13 9.75
C TRP B 268 0.43 -4.38 8.81
N ALA B 269 0.18 -3.09 8.57
CA ALA B 269 1.05 -2.37 7.66
C ALA B 269 2.45 -2.32 8.28
N ILE B 270 2.59 -1.76 9.46
CA ILE B 270 3.94 -1.58 9.94
C ILE B 270 4.70 -2.88 9.95
N TRP B 271 4.03 -4.00 10.24
CA TRP B 271 4.76 -5.29 10.43
C TRP B 271 5.14 -5.99 9.13
N MET B 272 4.23 -5.93 8.15
CA MET B 272 4.45 -6.54 6.80
C MET B 272 5.70 -5.97 6.23
N ALA B 273 5.88 -4.64 6.32
CA ALA B 273 7.07 -3.94 5.82
C ALA B 273 8.28 -4.33 6.63
N VAL B 274 8.22 -3.98 7.88
CA VAL B 274 9.31 -4.19 8.77
C VAL B 274 9.84 -5.59 8.71
N LEU B 275 9.01 -6.59 8.40
CA LEU B 275 9.51 -8.00 8.41
C LEU B 275 10.29 -8.43 7.19
N VAL B 276 10.30 -7.57 6.18
CA VAL B 276 11.07 -7.75 4.94
C VAL B 276 12.56 -7.73 5.27
N THR B 277 12.99 -6.58 5.76
CA THR B 277 14.36 -6.43 6.10
C THR B 277 14.77 -7.13 7.38
N LEU B 278 13.81 -7.50 8.22
CA LEU B 278 14.14 -8.19 9.47
C LEU B 278 14.59 -9.62 9.18
N THR B 279 13.69 -10.34 8.52
CA THR B 279 13.97 -11.71 8.07
C THR B 279 15.18 -11.66 7.16
N GLY B 280 15.20 -10.76 6.18
CA GLY B 280 16.30 -10.70 5.18
C GLY B 280 17.66 -10.55 5.82
N GLY B 281 17.70 -9.68 6.81
CA GLY B 281 18.89 -9.47 7.61
C GLY B 281 19.37 -10.75 8.25
N ILE B 282 18.49 -11.48 8.94
CA ILE B 282 18.84 -12.82 9.45
C ILE B 282 19.35 -13.76 8.35
N GLY B 283 18.61 -13.88 7.27
CA GLY B 283 19.04 -14.66 6.10
C GLY B 283 20.50 -14.44 5.73
N ILE B 284 20.90 -13.18 5.57
CA ILE B 284 22.26 -12.84 5.12
C ILE B 284 23.27 -13.08 6.22
N LEU B 285 22.94 -12.72 7.46
CA LEU B 285 23.89 -12.85 8.58
C LEU B 285 24.29 -14.27 8.76
N LEU B 286 23.35 -15.19 8.52
CA LEU B 286 23.66 -16.61 8.66
C LEU B 286 24.50 -17.12 7.48
N SER B 287 24.40 -16.46 6.32
CA SER B 287 25.06 -16.89 5.07
C SER B 287 26.56 -16.78 5.18
N GLY B 288 27.24 -17.93 5.12
CA GLY B 288 28.68 -17.95 5.16
C GLY B 288 29.30 -17.89 6.55
N THR B 289 28.56 -17.40 7.54
CA THR B 289 28.93 -17.48 8.97
C THR B 289 28.50 -18.86 9.55
N VAL B 290 27.22 -19.20 9.45
CA VAL B 290 26.75 -20.52 9.90
C VAL B 290 26.54 -21.48 8.75
N VAL B 291 26.10 -21.04 7.59
CA VAL B 291 25.68 -21.93 6.50
C VAL B 291 26.42 -21.52 5.23
N ASP B 292 27.19 -22.44 4.64
CA ASP B 292 27.92 -22.09 3.43
C ASP B 292 27.04 -22.32 2.24
N ASN B 293 26.23 -23.36 2.26
CA ASN B 293 25.41 -23.64 1.09
C ASN B 293 23.95 -23.94 1.45
N TRP B 294 23.06 -23.02 1.09
CA TRP B 294 21.64 -23.20 1.38
C TRP B 294 21.00 -24.38 0.64
N TYR B 295 21.48 -24.76 -0.53
CA TYR B 295 20.94 -25.99 -1.10
C TYR B 295 21.27 -27.14 -0.15
N VAL B 296 22.56 -27.26 0.16
CA VAL B 296 23.01 -28.29 1.07
C VAL B 296 22.30 -28.26 2.41
N TRP B 297 22.09 -27.08 2.96
CA TRP B 297 21.39 -26.97 4.25
C TRP B 297 19.98 -27.52 4.14
N GLY B 298 19.24 -27.00 3.19
CA GLY B 298 17.94 -27.55 2.79
C GLY B 298 17.83 -29.08 2.79
N GLN B 299 18.75 -29.77 2.14
CA GLN B 299 18.76 -31.24 2.11
C GLN B 299 18.73 -31.90 3.49
N ASN B 300 19.30 -31.21 4.49
CA ASN B 300 19.41 -31.74 5.85
C ASN B 300 18.55 -31.07 6.95
N HIS B 301 17.59 -30.24 6.54
N HIS B 301 17.55 -30.29 6.55
CA HIS B 301 16.75 -29.48 7.46
CA HIS B 301 16.72 -29.59 7.52
C HIS B 301 15.36 -29.27 6.82
C HIS B 301 15.37 -29.29 6.86
N GLY B 302 14.72 -30.38 6.42
CA GLY B 302 13.45 -30.34 5.66
C GLY B 302 13.57 -29.67 4.30
N ASP C 11 21.77 -26.97 15.15
CA ASP C 11 22.20 -25.98 14.12
C ASP C 11 21.50 -24.62 14.25
N LEU C 12 22.29 -23.56 14.27
CA LEU C 12 21.78 -22.21 14.44
C LEU C 12 20.78 -21.74 13.38
N ALA C 13 20.92 -22.15 12.11
CA ALA C 13 19.91 -21.74 11.11
C ALA C 13 18.57 -22.32 11.50
N SER C 14 18.56 -23.60 11.85
CA SER C 14 17.35 -24.28 12.33
C SER C 14 16.77 -23.67 13.61
N LEU C 15 17.61 -23.25 14.56
CA LEU C 15 17.04 -22.59 15.74
C LEU C 15 16.34 -21.26 15.31
N ALA C 16 17.00 -20.52 14.42
CA ALA C 16 16.59 -19.23 13.94
C ALA C 16 15.28 -19.41 13.25
N ILE C 17 15.19 -20.31 12.29
CA ILE C 17 13.98 -20.36 11.46
C ILE C 17 12.77 -20.82 12.28
N TYR C 18 13.01 -21.80 13.12
CA TYR C 18 11.96 -22.39 13.91
C TYR C 18 11.41 -21.34 14.92
N SER C 19 12.30 -20.68 15.65
CA SER C 19 11.90 -19.51 16.46
C SER C 19 11.02 -18.50 15.75
N PHE C 20 11.42 -18.19 14.52
CA PHE C 20 10.74 -17.17 13.76
C PHE C 20 9.29 -17.55 13.50
N TRP C 21 9.06 -18.78 13.07
CA TRP C 21 7.69 -19.21 12.84
C TRP C 21 6.87 -19.12 14.12
N ILE C 22 7.47 -19.52 15.25
CA ILE C 22 6.81 -19.31 16.54
C ILE C 22 6.40 -17.83 16.62
N PHE C 23 7.34 -16.91 16.45
CA PHE C 23 7.05 -15.50 16.62
C PHE C 23 5.96 -15.07 15.65
N LEU C 24 6.07 -15.48 14.39
CA LEU C 24 5.07 -15.06 13.42
C LEU C 24 3.68 -15.52 13.81
N ALA C 25 3.58 -16.77 14.24
CA ALA C 25 2.35 -17.21 14.92
C ALA C 25 1.91 -16.23 16.05
N GLY C 26 2.76 -15.98 17.02
CA GLY C 26 2.33 -15.06 18.07
C GLY C 26 1.94 -13.68 17.53
N LEU C 27 2.66 -13.23 16.51
CA LEU C 27 2.46 -11.92 15.99
C LEU C 27 1.08 -11.89 15.32
N ILE C 28 0.80 -12.87 14.46
CA ILE C 28 -0.52 -12.93 13.81
C ILE C 28 -1.65 -12.98 14.85
N TYR C 29 -1.47 -13.79 15.87
CA TYR C 29 -2.40 -13.81 16.96
C TYR C 29 -2.66 -12.39 17.45
N TYR C 30 -1.60 -11.75 17.96
CA TYR C 30 -1.64 -10.32 18.42
C TYR C 30 -2.36 -9.39 17.42
N LEU C 31 -1.90 -9.39 16.19
CA LEU C 31 -2.46 -8.56 15.13
C LEU C 31 -3.97 -8.76 15.02
N GLN C 32 -4.37 -10.04 14.97
CA GLN C 32 -5.75 -10.37 14.76
C GLN C 32 -6.61 -9.93 15.93
N THR C 33 -6.17 -10.17 17.16
CA THR C 33 -6.92 -9.67 18.33
C THR C 33 -6.99 -8.14 18.39
N GLU C 34 -5.95 -7.46 17.91
CA GLU C 34 -5.95 -5.99 17.92
C GLU C 34 -6.99 -5.43 16.98
N ASN C 35 -7.33 -6.21 15.97
CA ASN C 35 -8.29 -5.82 14.93
C ASN C 35 -9.73 -6.25 15.26
N MET C 36 -9.92 -6.74 16.48
CA MET C 36 -11.23 -7.08 17.04
C MET C 36 -11.61 -6.04 18.11
N ARG C 37 -10.86 -4.94 18.13
CA ARG C 37 -11.20 -3.84 19.01
C ARG C 37 -12.46 -3.13 18.66
N GLU C 38 -13.01 -3.33 17.46
CA GLU C 38 -14.29 -2.75 17.05
C GLU C 38 -15.15 -3.78 16.31
N GLY C 39 -16.47 -3.63 16.49
CA GLY C 39 -17.50 -4.57 15.95
C GLY C 39 -17.59 -5.98 16.51
N TYR C 40 -16.96 -6.21 17.66
CA TYR C 40 -17.01 -7.51 18.32
C TYR C 40 -17.47 -7.21 19.72
N PRO C 41 -18.16 -8.19 20.36
CA PRO C 41 -18.32 -9.59 19.88
C PRO C 41 -19.30 -9.72 18.73
N LEU C 42 -19.20 -10.81 17.96
CA LEU C 42 -20.13 -11.04 16.85
C LEU C 42 -21.56 -11.26 17.32
N GLU C 43 -22.49 -10.75 16.52
CA GLU C 43 -23.91 -10.77 16.81
C GLU C 43 -24.67 -11.66 15.80
N ASN C 44 -25.79 -12.29 16.22
CA ASN C 44 -26.72 -12.86 15.22
C ASN C 44 -27.48 -11.71 14.59
N GLU C 45 -28.30 -12.02 13.59
CA GLU C 45 -29.02 -10.98 12.86
C GLU C 45 -30.04 -10.23 13.76
N ASP C 46 -30.48 -10.85 14.85
CA ASP C 46 -31.37 -10.19 15.80
C ASP C 46 -30.66 -9.27 16.80
N GLY C 47 -29.33 -9.24 16.74
CA GLY C 47 -28.51 -8.35 17.57
C GLY C 47 -27.93 -8.98 18.82
N THR C 48 -28.41 -10.16 19.17
CA THR C 48 -27.87 -10.85 20.31
C THR C 48 -26.49 -11.40 19.98
N PRO C 49 -25.69 -11.68 21.03
CA PRO C 49 -24.38 -12.33 20.96
C PRO C 49 -24.43 -13.67 20.25
N ALA C 50 -23.59 -13.84 19.25
CA ALA C 50 -23.52 -15.08 18.50
C ALA C 50 -22.92 -16.14 19.36
N ALA C 51 -23.11 -17.39 18.93
CA ALA C 51 -22.60 -18.54 19.64
C ALA C 51 -21.12 -18.65 19.34
N ASN C 52 -20.74 -19.29 18.23
CA ASN C 52 -19.31 -19.33 17.80
C ASN C 52 -18.78 -17.92 17.49
N GLN C 53 -17.87 -17.44 18.34
CA GLN C 53 -17.10 -16.21 18.11
C GLN C 53 -15.81 -16.41 17.29
N GLY C 54 -15.11 -17.50 17.50
CA GLY C 54 -13.83 -17.70 16.85
C GLY C 54 -12.73 -17.98 17.86
N PRO C 55 -11.57 -18.45 17.38
CA PRO C 55 -10.53 -18.88 18.30
C PRO C 55 -9.82 -17.69 18.97
N PHE C 56 -9.94 -16.49 18.42
CA PHE C 56 -9.25 -15.39 19.01
C PHE C 56 -10.15 -14.66 20.00
N PRO C 57 -9.65 -14.41 21.22
CA PRO C 57 -10.35 -13.69 22.26
C PRO C 57 -10.39 -12.18 22.01
N LEU C 58 -11.26 -11.45 22.71
CA LEU C 58 -11.26 -9.97 22.64
C LEU C 58 -10.03 -9.45 23.41
N PRO C 59 -9.37 -8.39 22.90
CA PRO C 59 -8.19 -7.99 23.62
C PRO C 59 -8.61 -7.35 24.89
N LYS C 60 -7.66 -7.28 25.79
CA LYS C 60 -7.72 -6.38 26.94
C LYS C 60 -7.96 -4.94 26.39
N PRO C 61 -8.86 -4.17 27.02
CA PRO C 61 -9.22 -2.91 26.37
C PRO C 61 -8.12 -1.85 26.41
N LYS C 62 -8.12 -0.94 25.46
CA LYS C 62 -7.20 0.20 25.52
C LYS C 62 -8.02 1.45 25.53
N THR C 63 -7.46 2.51 26.13
CA THR C 63 -8.10 3.83 26.16
C THR C 63 -7.29 4.95 25.49
N PHE C 64 -7.95 5.58 24.51
CA PHE C 64 -7.45 6.74 23.82
C PHE C 64 -7.87 7.94 24.62
N ILE C 65 -6.96 8.91 24.79
CA ILE C 65 -7.36 10.23 25.34
C ILE C 65 -7.59 11.19 24.17
N LEU C 66 -8.84 11.56 23.89
CA LEU C 66 -9.07 12.46 22.79
C LEU C 66 -8.57 13.85 23.21
N PRO C 67 -8.10 14.66 22.24
CA PRO C 67 -7.72 16.06 22.49
C PRO C 67 -8.86 16.97 22.71
N HIS C 68 -8.52 18.21 22.97
CA HIS C 68 -9.51 19.30 22.95
C HIS C 68 -10.70 19.06 23.94
N GLY C 69 -10.40 18.36 25.03
CA GLY C 69 -11.38 18.00 26.05
C GLY C 69 -12.47 17.00 25.67
N ARG C 70 -12.29 16.27 24.58
CA ARG C 70 -13.40 15.53 24.02
C ARG C 70 -13.50 14.11 24.55
N GLY C 71 -13.07 13.93 25.78
CA GLY C 71 -13.26 12.64 26.41
C GLY C 71 -12.20 11.65 26.06
N THR C 72 -12.58 10.39 26.10
CA THR C 72 -11.68 9.32 25.76
C THR C 72 -12.53 8.36 24.91
N LEU C 73 -11.90 7.35 24.35
CA LEU C 73 -12.61 6.26 23.68
C LEU C 73 -11.88 5.03 24.10
N THR C 74 -12.64 4.03 24.53
CA THR C 74 -12.08 2.87 25.23
C THR C 74 -12.57 1.59 24.59
N VAL C 75 -11.81 1.07 23.63
CA VAL C 75 -12.19 -0.07 22.82
C VAL C 75 -11.39 -1.28 23.26
N PRO C 76 -11.92 -2.50 23.11
CA PRO C 76 -13.29 -2.82 22.77
C PRO C 76 -14.22 -2.44 23.91
N GLY C 77 -15.47 -2.18 23.56
CA GLY C 77 -16.50 -2.05 24.59
C GLY C 77 -17.90 -2.36 24.13
N PRO C 78 -18.89 -2.25 25.05
CA PRO C 78 -20.31 -2.29 24.70
C PRO C 78 -20.64 -1.50 23.43
N GLU C 79 -20.88 -2.33 22.39
CA GLU C 79 -21.19 -1.98 20.99
C GLU C 79 -22.69 -1.76 20.76
N SER C 80 -23.05 -0.59 20.28
CA SER C 80 -24.44 -0.32 19.94
C SER C 80 -24.54 0.75 18.86
N GLU C 81 -25.49 0.51 17.95
CA GLU C 81 -25.76 1.41 16.82
C GLU C 81 -26.23 2.77 17.30
N ASP C 82 -26.78 2.82 18.52
CA ASP C 82 -27.25 4.08 19.09
C ASP C 82 -28.23 4.78 18.12
N ARG C 83 -28.92 3.99 17.29
CA ARG C 83 -29.90 4.50 16.30
C ARG C 83 -30.70 3.30 15.79
N PRO C 84 -31.97 3.52 15.38
CA PRO C 84 -32.81 2.38 15.06
C PRO C 84 -32.62 1.94 13.60
N ILE C 85 -32.74 0.65 13.29
CA ILE C 85 -32.46 0.22 11.95
C ILE C 85 -33.68 -0.27 11.17
N ALA C 86 -34.21 0.56 10.28
CA ALA C 86 -35.38 0.22 9.44
C ALA C 86 -35.11 -0.92 8.44
N LEU C 87 -34.90 -2.14 8.90
CA LEU C 87 -34.91 -3.31 7.99
C LEU C 87 -35.65 -4.52 8.58
N ALA C 88 -35.97 -5.46 7.71
CA ALA C 88 -36.76 -6.62 8.06
C ALA C 88 -36.22 -7.81 7.27
N ARG C 89 -36.17 -8.96 7.91
CA ARG C 89 -35.74 -10.17 7.25
C ARG C 89 -36.59 -10.43 6.00
N THR C 90 -35.96 -11.08 5.01
CA THR C 90 -36.57 -11.53 3.79
C THR C 90 -36.60 -13.04 3.72
N ALA C 91 -35.75 -13.74 4.49
CA ALA C 91 -35.75 -15.21 4.58
C ALA C 91 -36.13 -15.71 6.00
N VAL C 92 -36.23 -17.03 6.18
CA VAL C 92 -36.59 -17.62 7.50
C VAL C 92 -35.35 -18.17 8.21
N SER C 93 -34.20 -17.89 7.63
CA SER C 93 -32.95 -18.41 8.14
C SER C 93 -31.81 -17.43 7.87
N GLU C 94 -30.67 -17.67 8.53
CA GLU C 94 -29.48 -16.78 8.46
C GLU C 94 -29.03 -16.55 7.02
N GLY C 95 -28.43 -15.39 6.76
CA GLY C 95 -27.63 -15.22 5.57
C GLY C 95 -28.27 -14.56 4.36
N PHE C 96 -29.48 -14.03 4.53
CA PHE C 96 -30.17 -13.36 3.42
C PHE C 96 -30.30 -11.88 3.66
N PRO C 97 -30.55 -11.12 2.61
CA PRO C 97 -30.70 -9.69 2.70
C PRO C 97 -31.90 -9.25 3.49
N HIS C 98 -31.80 -8.01 3.96
CA HIS C 98 -32.77 -7.41 4.87
C HIS C 98 -33.36 -6.22 4.11
N ALA C 99 -34.65 -6.28 3.77
CA ALA C 99 -35.29 -5.30 2.88
C ALA C 99 -35.65 -4.03 3.67
N PRO C 100 -35.35 -2.85 3.14
CA PRO C 100 -35.82 -1.60 3.75
C PRO C 100 -37.30 -1.61 3.98
N THR C 101 -37.73 -1.13 5.14
CA THR C 101 -39.14 -1.21 5.55
C THR C 101 -39.89 0.06 5.16
N GLY C 102 -39.10 1.10 4.94
CA GLY C 102 -39.52 2.30 4.25
C GLY C 102 -38.53 2.68 3.16
N ASP C 103 -38.27 3.96 3.07
CA ASP C 103 -37.34 4.54 2.12
C ASP C 103 -35.90 4.41 2.62
N PRO C 104 -35.07 3.59 1.94
CA PRO C 104 -33.73 3.35 2.50
C PRO C 104 -32.93 4.62 2.54
N MET C 105 -33.14 5.48 1.55
CA MET C 105 -32.44 6.76 1.54
C MET C 105 -32.84 7.62 2.73
N LYS C 106 -34.15 7.82 2.96
CA LYS C 106 -34.58 8.69 4.07
C LYS C 106 -34.29 8.00 5.39
N ASP C 107 -34.30 6.68 5.40
CA ASP C 107 -34.02 5.94 6.63
C ASP C 107 -32.53 5.71 6.93
N GLY C 108 -31.65 6.01 5.98
CA GLY C 108 -30.24 5.74 6.18
C GLY C 108 -29.89 4.26 6.31
N VAL C 109 -30.24 3.44 5.33
CA VAL C 109 -29.86 2.01 5.38
C VAL C 109 -29.20 1.57 4.07
N GLY C 110 -28.55 0.42 4.07
CA GLY C 110 -27.82 0.00 2.89
C GLY C 110 -26.67 0.94 2.50
N PRO C 111 -26.50 1.20 1.20
CA PRO C 111 -25.52 2.23 0.84
C PRO C 111 -25.92 3.67 1.25
N ALA C 112 -27.10 3.84 1.84
CA ALA C 112 -27.44 5.14 2.44
C ALA C 112 -27.09 5.20 3.94
N SER C 113 -26.37 4.20 4.43
CA SER C 113 -26.15 4.06 5.85
C SER C 113 -25.28 5.19 6.39
N TRP C 114 -25.54 5.62 7.61
CA TRP C 114 -24.68 6.55 8.30
C TRP C 114 -24.43 6.04 9.68
N VAL C 115 -23.25 6.33 10.24
CA VAL C 115 -22.95 5.95 11.62
C VAL C 115 -23.25 7.15 12.44
N ALA C 116 -23.57 6.90 13.70
CA ALA C 116 -23.97 7.87 14.72
C ALA C 116 -22.75 8.42 15.51
N ARG C 117 -21.78 8.95 14.73
CA ARG C 117 -20.59 9.65 15.23
C ARG C 117 -20.99 10.93 15.96
N ARG C 118 -20.06 11.55 16.67
CA ARG C 118 -20.43 12.76 17.43
C ARG C 118 -20.94 13.94 16.64
N ASP C 119 -21.88 14.67 17.25
CA ASP C 119 -22.50 15.84 16.68
C ASP C 119 -21.66 17.07 17.05
N LEU C 120 -20.35 16.96 16.85
CA LEU C 120 -19.40 18.11 16.82
C LEU C 120 -18.41 18.01 15.65
N PRO C 121 -17.82 19.13 15.25
CA PRO C 121 -16.94 19.08 14.08
C PRO C 121 -15.53 18.54 14.42
N GLU C 122 -14.89 17.86 13.48
CA GLU C 122 -13.51 17.45 13.69
C GLU C 122 -12.74 18.73 13.88
N LEU C 123 -11.94 18.81 14.94
CA LEU C 123 -11.02 19.90 15.16
C LEU C 123 -9.61 19.56 14.71
N ASP C 124 -8.86 20.60 14.32
CA ASP C 124 -7.44 20.45 13.95
C ASP C 124 -6.54 20.61 15.16
N GLY C 125 -5.24 20.67 14.89
CA GLY C 125 -4.27 20.48 15.92
C GLY C 125 -4.20 21.67 16.82
N HIS C 126 -5.01 22.69 16.53
CA HIS C 126 -5.04 23.91 17.33
C HIS C 126 -6.43 24.18 17.85
N GLY C 127 -7.26 23.17 17.94
CA GLY C 127 -8.65 23.29 18.39
C GLY C 127 -9.64 24.07 17.50
N HIS C 128 -9.38 24.15 16.19
CA HIS C 128 -10.21 24.97 15.29
C HIS C 128 -10.88 24.08 14.32
N ASN C 129 -12.14 24.35 13.98
CA ASN C 129 -12.89 23.45 13.05
C ASN C 129 -12.00 23.02 11.83
N LYS C 130 -11.78 21.73 11.64
CA LYS C 130 -10.99 21.25 10.49
C LYS C 130 -11.52 21.74 9.15
N ILE C 131 -12.83 21.83 9.00
CA ILE C 131 -13.50 22.14 7.75
C ILE C 131 -14.36 23.41 7.89
N LYS C 132 -14.15 24.43 7.05
CA LYS C 132 -14.94 25.69 7.09
C LYS C 132 -15.30 26.03 5.69
N PRO C 133 -16.42 26.74 5.48
CA PRO C 133 -16.67 27.23 4.14
C PRO C 133 -15.50 28.14 3.74
N MET C 134 -15.11 28.11 2.49
CA MET C 134 -13.93 28.90 2.06
C MET C 134 -14.10 30.42 2.28
N LYS C 135 -15.33 30.90 2.32
CA LYS C 135 -15.54 32.30 2.65
C LYS C 135 -15.03 32.58 4.05
N ALA C 136 -15.17 31.62 4.96
CA ALA C 136 -14.73 31.79 6.37
C ALA C 136 -13.29 31.37 6.65
N ALA C 137 -12.58 30.81 5.68
CA ALA C 137 -11.23 30.32 5.96
C ALA C 137 -10.23 31.33 5.43
N ALA C 138 -9.79 32.24 6.29
CA ALA C 138 -8.89 33.34 5.90
C ALA C 138 -7.77 32.92 4.97
N GLY C 139 -7.60 33.69 3.90
CA GLY C 139 -6.53 33.48 2.92
C GLY C 139 -6.53 32.25 2.01
N PHE C 140 -7.57 31.42 2.13
CA PHE C 140 -7.83 30.30 1.22
C PHE C 140 -8.53 30.71 -0.06
N HIS C 141 -8.02 30.17 -1.15
CA HIS C 141 -8.52 30.45 -2.48
C HIS C 141 -8.25 29.23 -3.34
N VAL C 142 -8.97 29.18 -4.44
CA VAL C 142 -8.73 28.18 -5.47
C VAL C 142 -7.37 28.57 -6.07
N SER C 143 -6.51 27.60 -6.28
CA SER C 143 -5.13 27.86 -6.70
C SER C 143 -4.70 27.15 -8.01
N ALA C 144 -5.48 26.20 -8.48
CA ALA C 144 -5.21 25.54 -9.73
C ALA C 144 -6.48 24.73 -10.00
N GLY C 145 -6.73 24.36 -11.24
CA GLY C 145 -7.99 23.67 -11.55
C GLY C 145 -9.09 24.66 -11.77
N LYS C 146 -10.20 24.17 -12.29
CA LYS C 146 -11.37 25.03 -12.56
C LYS C 146 -12.06 25.29 -11.24
N ASN C 147 -12.26 26.57 -10.90
CA ASN C 147 -13.08 26.96 -9.75
C ASN C 147 -14.56 26.64 -10.04
N PRO C 148 -15.18 25.75 -9.24
CA PRO C 148 -16.58 25.45 -9.43
C PRO C 148 -17.59 26.43 -8.83
N ILE C 149 -17.18 27.43 -8.06
CA ILE C 149 -18.16 28.32 -7.41
C ILE C 149 -18.86 29.07 -8.52
N GLY C 150 -20.19 28.92 -8.64
CA GLY C 150 -20.99 29.59 -9.68
C GLY C 150 -21.56 28.63 -10.70
N LEU C 151 -20.81 27.60 -11.01
CA LEU C 151 -21.30 26.48 -11.82
C LEU C 151 -22.68 25.94 -11.34
N PRO C 152 -23.58 25.57 -12.28
CA PRO C 152 -24.82 24.96 -11.87
C PRO C 152 -24.56 23.48 -11.58
N VAL C 153 -25.35 22.91 -10.66
CA VAL C 153 -25.26 21.47 -10.35
C VAL C 153 -26.37 20.60 -11.05
N ARG C 154 -25.91 19.53 -11.69
CA ARG C 154 -26.79 18.63 -12.43
C ARG C 154 -26.85 17.21 -11.88
N GLY C 155 -28.10 16.73 -11.71
CA GLY C 155 -28.37 15.34 -11.28
C GLY C 155 -28.37 14.28 -12.37
N CYS C 156 -28.35 13.01 -11.98
CA CYS C 156 -28.29 11.97 -13.00
C CYS C 156 -29.55 11.92 -13.87
N ASP C 157 -30.65 12.54 -13.45
CA ASP C 157 -31.76 12.69 -14.35
C ASP C 157 -31.57 13.80 -15.39
N LEU C 158 -30.34 14.32 -15.49
CA LEU C 158 -29.96 15.44 -16.38
C LEU C 158 -30.77 16.69 -16.13
N GLU C 159 -31.07 16.96 -14.87
CA GLU C 159 -31.81 18.17 -14.50
C GLU C 159 -30.98 19.01 -13.54
N ILE C 160 -31.26 20.32 -13.50
CA ILE C 160 -30.50 21.23 -12.65
C ILE C 160 -31.04 21.12 -11.25
N ALA C 161 -30.17 20.77 -10.32
CA ALA C 161 -30.55 20.62 -8.93
C ALA C 161 -30.32 21.94 -8.19
N GLY C 162 -29.30 22.70 -8.58
CA GLY C 162 -28.90 23.90 -7.84
C GLY C 162 -27.76 24.70 -8.50
N LYS C 163 -27.11 25.55 -7.69
CA LYS C 163 -25.84 26.18 -8.08
C LYS C 163 -24.80 26.03 -6.97
N VAL C 164 -23.55 25.76 -7.33
CA VAL C 164 -22.46 25.76 -6.36
C VAL C 164 -22.28 27.18 -5.81
N VAL C 165 -22.23 27.34 -4.49
CA VAL C 165 -22.03 28.67 -3.85
C VAL C 165 -20.73 28.78 -2.97
N ASP C 166 -20.01 27.68 -2.74
CA ASP C 166 -18.75 27.78 -2.03
C ASP C 166 -18.09 26.45 -1.99
N ILE C 167 -16.78 26.42 -1.83
CA ILE C 167 -16.08 25.15 -1.58
C ILE C 167 -15.91 25.14 -0.08
N TRP C 168 -15.98 23.94 0.51
CA TRP C 168 -15.74 23.81 1.94
C TRP C 168 -14.43 23.09 2.07
N VAL C 169 -13.46 23.77 2.68
CA VAL C 169 -12.08 23.33 2.61
C VAL C 169 -11.60 22.72 3.91
N ASP C 170 -10.64 21.82 3.83
CA ASP C 170 -9.94 21.28 4.98
C ASP C 170 -8.74 22.17 5.24
N ILE C 171 -8.72 22.97 6.30
CA ILE C 171 -7.62 23.93 6.46
C ILE C 171 -6.26 23.21 6.62
N PRO C 172 -6.14 22.39 7.66
CA PRO C 172 -4.81 21.80 7.88
C PRO C 172 -4.27 21.01 6.69
N GLU C 173 -5.16 20.44 5.89
CA GLU C 173 -4.76 19.65 4.73
C GLU C 173 -4.98 20.40 3.43
N GLN C 174 -5.51 21.61 3.51
CA GLN C 174 -5.61 22.47 2.33
C GLN C 174 -6.13 21.67 1.13
N MET C 175 -7.34 21.13 1.27
CA MET C 175 -7.97 20.46 0.19
C MET C 175 -9.45 20.70 0.19
N ALA C 176 -10.11 20.47 -0.93
CA ALA C 176 -11.56 20.72 -1.05
C ALA C 176 -12.27 19.54 -0.52
N ARG C 177 -13.21 19.71 0.43
CA ARG C 177 -13.96 18.54 0.92
C ARG C 177 -15.40 18.49 0.55
N PHE C 178 -16.05 19.63 0.36
CA PHE C 178 -17.43 19.64 -0.09
C PHE C 178 -17.65 20.81 -1.01
N LEU C 179 -18.65 20.66 -1.88
CA LEU C 179 -19.27 21.84 -2.50
C LEU C 179 -20.60 22.20 -1.83
N GLU C 180 -20.74 23.42 -1.34
CA GLU C 180 -22.00 23.85 -0.76
C GLU C 180 -22.87 24.26 -1.94
N VAL C 181 -24.06 23.68 -2.06
CA VAL C 181 -24.91 23.90 -3.24
C VAL C 181 -26.23 24.55 -2.88
N GLU C 182 -26.56 25.67 -3.48
CA GLU C 182 -27.82 26.34 -3.16
C GLU C 182 -28.95 25.71 -3.98
N LEU C 183 -30.10 25.51 -3.32
CA LEU C 183 -31.25 24.81 -3.90
C LEU C 183 -32.30 25.82 -4.28
N LYS C 184 -33.29 25.34 -5.04
CA LYS C 184 -34.38 26.14 -5.62
C LYS C 184 -34.99 27.07 -4.62
N ASP C 185 -35.02 26.63 -3.37
CA ASP C 185 -35.68 27.36 -2.29
C ASP C 185 -34.78 28.23 -1.44
N GLY C 186 -33.50 28.36 -1.80
CA GLY C 186 -32.57 29.21 -1.04
C GLY C 186 -31.69 28.50 -0.01
N SER C 187 -32.05 27.30 0.44
CA SER C 187 -31.25 26.61 1.46
C SER C 187 -30.05 26.01 0.77
N THR C 188 -29.09 25.47 1.52
CA THR C 188 -27.91 24.89 0.90
C THR C 188 -27.67 23.49 1.37
N ARG C 189 -26.86 22.76 0.63
CA ARG C 189 -26.51 21.42 1.02
C ARG C 189 -25.06 21.16 0.73
N LEU C 190 -24.43 20.31 1.51
CA LEU C 190 -23.07 19.95 1.25
C LEU C 190 -23.09 18.71 0.36
N LEU C 191 -22.41 18.78 -0.80
CA LEU C 191 -22.14 17.60 -1.61
C LEU C 191 -20.68 17.19 -1.43
N PRO C 192 -20.44 15.96 -0.97
CA PRO C 192 -19.03 15.53 -0.93
C PRO C 192 -18.35 15.62 -2.29
N MET C 193 -17.14 16.17 -2.23
CA MET C 193 -16.39 16.62 -3.37
C MET C 193 -16.00 15.43 -4.18
N GLN C 194 -15.77 14.30 -3.48
CA GLN C 194 -15.47 13.04 -4.14
C GLN C 194 -16.64 12.47 -4.94
N MET C 195 -17.83 13.04 -4.89
CA MET C 195 -18.95 12.47 -5.64
C MET C 195 -19.46 13.44 -6.68
N VAL C 196 -18.59 14.38 -7.06
CA VAL C 196 -18.95 15.40 -8.04
C VAL C 196 -17.89 15.43 -9.15
N LYS C 197 -18.33 15.93 -10.30
CA LYS C 197 -17.49 16.06 -11.48
C LYS C 197 -17.58 17.52 -11.91
N VAL C 198 -16.50 18.24 -11.64
CA VAL C 198 -16.40 19.63 -12.03
C VAL C 198 -16.03 19.56 -13.50
N GLN C 199 -16.80 20.24 -14.32
CA GLN C 199 -16.69 20.21 -15.76
C GLN C 199 -16.61 21.63 -16.24
N SER C 200 -16.27 21.80 -17.52
CA SER C 200 -16.09 23.12 -18.04
C SER C 200 -17.25 24.01 -17.56
N ASN C 201 -18.48 23.57 -17.77
CA ASN C 201 -19.68 24.42 -17.69
C ASN C 201 -20.76 23.92 -16.72
N ARG C 202 -20.44 22.94 -15.88
CA ARG C 202 -21.36 22.50 -14.83
C ARG C 202 -20.62 21.60 -13.84
N VAL C 203 -21.22 21.35 -12.68
CA VAL C 203 -20.79 20.27 -11.80
C VAL C 203 -21.86 19.23 -11.89
N HIS C 204 -21.46 18.04 -12.30
CA HIS C 204 -22.34 16.89 -12.45
C HIS C 204 -22.23 15.85 -11.29
N VAL C 205 -23.36 15.63 -10.60
CA VAL C 205 -23.48 14.62 -9.55
C VAL C 205 -24.32 13.43 -10.06
N ASN C 206 -23.70 12.26 -10.10
CA ASN C 206 -24.31 11.11 -10.76
C ASN C 206 -25.12 10.26 -9.79
N ALA C 207 -24.59 10.07 -8.56
CA ALA C 207 -25.35 9.42 -7.49
C ALA C 207 -26.83 9.92 -7.39
N LEU C 208 -27.08 11.22 -7.30
CA LEU C 208 -28.46 11.70 -7.11
C LEU C 208 -29.12 12.30 -8.34
N SER C 209 -30.43 12.14 -8.41
CA SER C 209 -31.24 12.89 -9.37
C SER C 209 -31.70 14.21 -8.76
N SER C 210 -32.14 15.11 -9.61
CA SER C 210 -32.33 16.49 -9.17
C SER C 210 -33.25 16.54 -8.00
N ASP C 211 -34.34 15.77 -8.10
CA ASP C 211 -35.41 15.72 -7.07
C ASP C 211 -34.98 15.15 -5.70
N LEU C 212 -33.86 14.44 -5.60
CA LEU C 212 -33.42 13.93 -4.30
C LEU C 212 -32.48 14.87 -3.51
N PHE C 213 -32.28 16.06 -4.01
CA PHE C 213 -31.28 16.95 -3.44
C PHE C 213 -31.77 17.58 -2.16
N ALA C 214 -33.02 18.08 -2.18
CA ALA C 214 -33.78 18.51 -0.97
C ALA C 214 -33.57 17.53 0.19
N GLY C 215 -33.54 16.25 -0.15
CA GLY C 215 -33.42 15.17 0.81
C GLY C 215 -32.11 15.04 1.56
N ILE C 216 -31.03 15.50 0.94
CA ILE C 216 -29.73 15.56 1.62
C ILE C 216 -29.96 16.18 3.01
N PRO C 217 -29.50 15.49 4.07
CA PRO C 217 -29.42 15.96 5.45
C PRO C 217 -28.81 17.31 5.50
N THR C 218 -29.37 18.20 6.28
CA THR C 218 -28.84 19.56 6.37
C THR C 218 -27.94 19.76 7.60
N ILE C 219 -27.31 20.93 7.68
CA ILE C 219 -26.35 21.16 8.75
C ILE C 219 -26.99 22.16 9.68
N LYS C 220 -26.97 21.84 10.96
CA LYS C 220 -27.59 22.75 11.93
C LYS C 220 -26.99 24.16 11.91
N SER C 221 -25.69 24.29 11.64
CA SER C 221 -25.03 25.61 11.59
C SER C 221 -24.33 25.84 10.25
N PRO C 222 -24.60 26.98 9.62
CA PRO C 222 -24.08 27.30 8.30
C PRO C 222 -22.58 27.42 8.11
N THR C 223 -21.79 27.71 9.16
CA THR C 223 -20.30 27.64 9.01
C THR C 223 -19.56 26.48 9.71
N GLU C 224 -20.19 25.31 9.84
CA GLU C 224 -19.49 24.16 10.38
C GLU C 224 -20.27 22.88 10.07
N VAL C 225 -19.56 21.76 9.94
CA VAL C 225 -20.22 20.47 9.85
C VAL C 225 -19.70 19.61 10.98
N THR C 226 -20.62 18.96 11.66
CA THR C 226 -20.26 17.99 12.68
C THR C 226 -20.04 16.61 12.05
N LEU C 227 -19.34 15.75 12.76
CA LEU C 227 -19.01 14.44 12.22
C LEU C 227 -20.28 13.69 11.86
N LEU C 228 -21.31 13.85 12.69
CA LEU C 228 -22.58 13.15 12.50
C LEU C 228 -23.17 13.54 11.16
N GLU C 229 -23.30 14.85 10.95
CA GLU C 229 -23.86 15.42 9.72
C GLU C 229 -23.02 14.99 8.48
N GLU C 230 -21.70 14.93 8.65
CA GLU C 230 -20.83 14.45 7.57
C GLU C 230 -21.24 13.04 7.15
N ASP C 231 -21.48 12.18 8.13
CA ASP C 231 -21.80 10.80 7.82
C ASP C 231 -23.17 10.67 7.17
N LYS C 232 -24.09 11.48 7.67
CA LYS C 232 -25.43 11.47 7.13
C LYS C 232 -25.46 11.91 5.65
N ILE C 233 -24.71 12.97 5.34
CA ILE C 233 -24.62 13.55 3.98
C ILE C 233 -23.87 12.62 3.07
N CYS C 234 -22.76 12.09 3.54
CA CYS C 234 -21.97 11.23 2.69
C CYS C 234 -22.71 9.98 2.36
N GLY C 235 -23.43 9.46 3.36
CA GLY C 235 -24.21 8.23 3.21
C GLY C 235 -25.36 8.46 2.25
N TYR C 236 -26.08 9.54 2.50
CA TYR C 236 -27.21 9.87 1.67
C TYR C 236 -26.77 9.94 0.21
N VAL C 237 -25.68 10.63 -0.04
CA VAL C 237 -25.27 10.85 -1.43
C VAL C 237 -24.89 9.51 -2.07
N ALA C 238 -24.03 8.70 -1.44
CA ALA C 238 -23.64 7.34 -1.94
C ALA C 238 -24.83 6.40 -2.30
N GLY C 239 -25.83 6.37 -1.41
CA GLY C 239 -26.97 5.49 -1.62
C GLY C 239 -27.67 5.72 -2.94
N GLY C 240 -27.48 6.93 -3.45
CA GLY C 240 -28.13 7.34 -4.68
C GLY C 240 -27.74 6.40 -5.80
N LEU C 241 -26.50 5.95 -5.73
CA LEU C 241 -25.97 5.12 -6.78
C LEU C 241 -26.89 3.94 -6.91
N MET C 242 -27.14 3.28 -5.80
CA MET C 242 -28.12 2.22 -5.77
C MET C 242 -29.55 2.74 -5.99
N TYR C 243 -29.98 3.64 -5.10
CA TYR C 243 -31.39 3.84 -4.85
C TYR C 243 -31.99 4.90 -5.73
N ALA C 244 -31.18 5.50 -6.60
CA ALA C 244 -31.72 6.46 -7.57
C ALA C 244 -31.51 5.98 -9.01
N ALA C 245 -31.10 4.71 -9.18
CA ALA C 245 -30.81 4.16 -10.51
C ALA C 245 -32.01 4.10 -11.49
N PRO C 246 -33.24 3.93 -10.96
CA PRO C 246 -34.38 4.15 -11.88
C PRO C 246 -34.29 5.48 -12.64
N LYS C 247 -34.13 6.61 -11.93
CA LYS C 247 -34.01 7.94 -12.59
C LYS C 247 -32.65 8.26 -13.20
N ARG C 248 -31.72 7.32 -13.22
CA ARG C 248 -30.42 7.60 -13.75
C ARG C 248 -30.37 7.34 -15.26
N LYS C 249 -30.59 8.38 -16.07
CA LYS C 249 -30.43 8.30 -17.56
C LYS C 249 -28.99 7.88 -18.01
N SER C 250 -28.88 7.01 -19.03
CA SER C 250 -27.54 6.64 -19.58
C SER C 250 -26.80 7.84 -20.26
N VAL C 251 -25.49 7.61 -20.30
CA VAL C 251 -24.73 8.65 -21.07
C VAL C 251 -23.26 8.20 -21.29
#